data_2ZM3
#
_entry.id   2ZM3
#
_cell.length_a   137.725
_cell.length_b   135.962
_cell.length_c   86.380
_cell.angle_alpha   90.00
_cell.angle_beta   114.27
_cell.angle_gamma   90.00
#
_symmetry.space_group_name_H-M   'C 1 2 1'
#
loop_
_entity.id
_entity.type
_entity.pdbx_description
1 polymer 'Insulin-like growth factor 1 receptor'
2 non-polymer (4Z)-6-bromo-4-({[4-(pyrrolidin-1-ylmethyl)phenyl]amino}methylidene)isoquinoline-1,3(2H,4H)-dione
3 water water
#
_entity_poly.entity_id   1
_entity_poly.type   'polypeptide(L)'
_entity_poly.pdbx_seq_one_letter_code
;GSFSAADVYVPDEWEVAREKITMSRELGQGSFGMVYEGVAKGVVKDEPETRVAIKTVNEAASMRERIEFLNEASVMKEFN
CHHVVRLLGVVSQGQPTLVIMELMTRGDLKSYLRSLRPEMENNPVLAPPSLSKMIQMAGEIADGMAYLNANKFVHRDLAA
RNCMVAEDFTVKIGDFGMTRDI(PTR)ETD(PTR)(PTR)RKGGKGLLPVRWMSPESLKDGVFTTYSDVWSFGVVLWEIA
TLAEQPYQGLSNEQVLRFVMEGGLLDKPDNCPDMLFELMRMCWQYNPKMRPSFLEIISSIKEEMEPGFREVSFYYSEENK
;
_entity_poly.pdbx_strand_id   A,B,C,D
#
loop_
_chem_comp.id
_chem_comp.type
_chem_comp.name
_chem_comp.formula
575 non-polymer (4Z)-6-bromo-4-({[4-(pyrrolidin-1-ylmethyl)phenyl]amino}methylidene)isoquinoline-1,3(2H,4H)-dione 'C21 H20 Br N3 O2'
#
# COMPACT_ATOMS: atom_id res chain seq x y z
N SER A 2 -10.34 55.85 -0.36
CA SER A 2 -11.01 56.78 0.56
C SER A 2 -11.51 56.08 1.82
N PHE A 3 -12.27 56.80 2.63
CA PHE A 3 -12.71 56.34 3.95
C PHE A 3 -14.00 55.52 3.88
N SER A 4 -14.00 54.36 4.53
CA SER A 4 -15.15 53.47 4.52
C SER A 4 -15.21 52.57 5.75
N ALA A 5 -16.19 51.67 5.77
CA ALA A 5 -16.42 50.79 6.92
C ALA A 5 -15.19 49.97 7.28
N ALA A 6 -14.38 49.64 6.28
CA ALA A 6 -13.21 48.80 6.52
C ALA A 6 -12.14 49.51 7.36
N ASP A 7 -12.21 50.83 7.39
CA ASP A 7 -11.27 51.61 8.18
C ASP A 7 -11.60 51.57 9.67
N VAL A 8 -12.83 51.18 10.00
CA VAL A 8 -13.33 51.32 11.35
C VAL A 8 -13.61 49.99 12.05
N TYR A 9 -14.17 49.03 11.33
CA TYR A 9 -14.70 47.81 11.93
C TYR A 9 -13.69 46.65 12.05
N VAL A 10 -12.50 46.83 11.49
CA VAL A 10 -11.46 45.81 11.62
C VAL A 10 -10.16 46.44 12.12
N PRO A 11 -9.55 45.82 13.15
CA PRO A 11 -8.31 46.32 13.75
C PRO A 11 -7.19 46.37 12.72
N ASP A 12 -6.36 47.41 12.80
CA ASP A 12 -5.31 47.60 11.80
C ASP A 12 -4.19 46.57 11.88
N GLU A 13 -4.19 45.75 12.93
CA GLU A 13 -3.17 44.75 13.10
C GLU A 13 -3.57 43.40 12.49
N TRP A 14 -4.76 43.36 11.89
CA TRP A 14 -5.17 42.23 11.06
C TRP A 14 -4.92 42.56 9.60
N GLU A 15 -4.59 43.83 9.34
CA GLU A 15 -4.40 44.34 7.98
C GLU A 15 -3.28 43.64 7.23
N VAL A 16 -3.47 43.45 5.92
CA VAL A 16 -2.40 43.00 5.03
C VAL A 16 -2.41 43.83 3.75
N ALA A 17 -1.23 44.19 3.27
CA ALA A 17 -1.09 45.10 2.14
C ALA A 17 -1.71 44.54 0.86
N ARG A 18 -2.41 45.40 0.13
CA ARG A 18 -3.07 44.98 -1.10
C ARG A 18 -2.07 44.43 -2.13
N GLU A 19 -0.85 44.96 -2.13
CA GLU A 19 0.15 44.51 -3.09
C GLU A 19 0.82 43.19 -2.70
N LYS A 20 0.40 42.63 -1.58
CA LYS A 20 0.83 41.30 -1.18
C LYS A 20 -0.20 40.26 -1.62
N ILE A 21 -1.20 40.73 -2.37
CA ILE A 21 -2.30 39.88 -2.79
C ILE A 21 -2.46 39.88 -4.30
N THR A 22 -2.51 38.68 -4.88
CA THR A 22 -2.79 38.54 -6.30
C THR A 22 -3.94 37.55 -6.53
N MET A 23 -4.91 37.94 -7.35
CA MET A 23 -6.08 37.11 -7.60
C MET A 23 -5.99 36.36 -8.93
N SER A 24 -6.49 35.13 -8.95
CA SER A 24 -6.21 34.20 -10.04
C SER A 24 -7.43 33.69 -10.81
N ARG A 25 -8.52 33.41 -10.09
CA ARG A 25 -9.71 32.86 -10.71
C ARG A 25 -10.85 32.77 -9.72
N GLU A 26 -12.07 32.63 -10.24
CA GLU A 26 -13.25 32.52 -9.39
C GLU A 26 -13.36 31.13 -8.75
N LEU A 27 -13.71 31.10 -7.47
CA LEU A 27 -13.90 29.86 -6.74
C LEU A 27 -15.38 29.59 -6.52
N GLY A 28 -16.15 30.66 -6.38
CA GLY A 28 -17.59 30.53 -6.16
C GLY A 28 -18.19 31.76 -5.51
N GLN A 29 -19.51 31.84 -5.52
CA GLN A 29 -20.22 32.95 -4.91
C GLN A 29 -20.30 32.78 -3.40
N GLY A 30 -19.83 33.79 -2.68
CA GLY A 30 -19.96 33.82 -1.23
C GLY A 30 -21.21 34.59 -0.86
N SER A 31 -21.44 34.80 0.43
CA SER A 31 -22.67 35.45 0.88
C SER A 31 -22.64 36.99 0.73
N PHE A 32 -21.48 37.54 0.38
CA PHE A 32 -21.37 39.00 0.20
C PHE A 32 -20.77 39.38 -1.15
N GLY A 33 -20.22 38.41 -1.86
CA GLY A 33 -19.61 38.67 -3.15
C GLY A 33 -18.89 37.44 -3.68
N MET A 34 -18.19 37.60 -4.80
CA MET A 34 -17.47 36.49 -5.40
C MET A 34 -16.26 36.11 -4.56
N VAL A 35 -15.96 34.82 -4.51
CA VAL A 35 -14.75 34.36 -3.84
C VAL A 35 -13.73 33.95 -4.90
N TYR A 36 -12.47 34.27 -4.66
CA TYR A 36 -11.41 34.01 -5.62
C TYR A 36 -10.30 33.18 -5.02
N GLU A 37 -9.47 32.60 -5.88
CA GLU A 37 -8.24 31.97 -5.43
C GLU A 37 -7.12 32.98 -5.62
N GLY A 38 -6.09 32.91 -4.78
CA GLY A 38 -4.99 33.85 -4.89
C GLY A 38 -3.72 33.39 -4.20
N VAL A 39 -2.69 34.21 -4.29
CA VAL A 39 -1.45 33.97 -3.59
C VAL A 39 -1.15 35.17 -2.70
N ALA A 40 -0.80 34.91 -1.44
CA ALA A 40 -0.44 35.97 -0.53
C ALA A 40 1.03 35.87 -0.18
N LYS A 41 1.78 36.92 -0.49
CA LYS A 41 3.20 36.96 -0.17
C LYS A 41 3.41 37.53 1.22
N GLY A 42 3.60 36.65 2.21
CA GLY A 42 3.95 37.07 3.55
C GLY A 42 2.77 37.31 4.47
N VAL A 43 2.02 36.26 4.77
CA VAL A 43 0.88 36.37 5.68
C VAL A 43 0.81 35.17 6.62
N VAL A 44 1.53 34.09 6.27
CA VAL A 44 1.56 32.90 7.11
C VAL A 44 2.95 32.72 7.73
N LYS A 45 3.00 32.05 8.88
CA LYS A 45 4.23 31.92 9.64
C LYS A 45 5.28 31.05 8.95
N ASP A 46 6.43 31.68 8.66
CA ASP A 46 7.58 30.98 8.08
C ASP A 46 7.41 30.65 6.59
N GLU A 47 6.25 31.01 6.04
CA GLU A 47 5.97 30.77 4.64
C GLU A 47 6.06 32.06 3.81
N PRO A 48 6.94 32.06 2.79
CA PRO A 48 7.11 33.19 1.89
C PRO A 48 5.83 33.51 1.13
N GLU A 49 5.16 32.46 0.65
CA GLU A 49 3.91 32.61 -0.07
C GLU A 49 2.90 31.58 0.41
N THR A 50 1.62 31.92 0.29
CA THR A 50 0.56 30.98 0.64
C THR A 50 -0.58 31.10 -0.36
N ARG A 51 -1.05 29.95 -0.84
CA ARG A 51 -2.26 29.94 -1.65
C ARG A 51 -3.43 30.26 -0.73
N VAL A 52 -4.32 31.14 -1.17
CA VAL A 52 -5.41 31.59 -0.32
C VAL A 52 -6.74 31.69 -1.05
N ALA A 53 -7.82 31.83 -0.27
CA ALA A 53 -9.12 32.16 -0.82
C ALA A 53 -9.42 33.62 -0.48
N ILE A 54 -9.91 34.35 -1.47
CA ILE A 54 -10.12 35.78 -1.32
C ILE A 54 -11.61 36.10 -1.38
N LYS A 55 -12.16 36.66 -0.30
CA LYS A 55 -13.53 37.11 -0.32
C LYS A 55 -13.57 38.62 -0.56
N THR A 56 -14.49 39.06 -1.40
CA THR A 56 -14.56 40.46 -1.79
C THR A 56 -15.89 41.10 -1.44
N VAL A 57 -15.83 42.40 -1.16
CA VAL A 57 -17.02 43.23 -1.12
C VAL A 57 -16.72 44.50 -1.91
N ASN A 58 -17.50 44.74 -2.95
CA ASN A 58 -17.24 45.84 -3.88
C ASN A 58 -17.53 47.22 -3.30
N GLU A 59 -16.94 48.23 -3.93
CA GLU A 59 -17.24 49.62 -3.62
C GLU A 59 -18.73 49.85 -3.76
N ALA A 60 -19.34 49.17 -4.74
CA ALA A 60 -20.77 49.28 -4.99
C ALA A 60 -21.58 48.25 -4.20
N ALA A 61 -21.31 48.17 -2.90
CA ALA A 61 -22.09 47.34 -1.99
C ALA A 61 -22.55 48.22 -0.84
N SER A 62 -23.78 48.02 -0.39
CA SER A 62 -24.33 48.87 0.66
C SER A 62 -23.42 48.88 1.89
N MET A 63 -23.39 50.01 2.58
CA MET A 63 -22.58 50.11 3.80
C MET A 63 -23.04 49.06 4.80
N ARG A 64 -24.33 48.76 4.79
CA ARG A 64 -24.91 47.79 5.71
C ARG A 64 -24.30 46.40 5.52
N GLU A 65 -24.19 45.95 4.28
CA GLU A 65 -23.66 44.62 4.01
C GLU A 65 -22.15 44.57 4.22
N ARG A 66 -21.47 45.67 3.94
CA ARG A 66 -20.03 45.75 4.18
C ARG A 66 -19.73 45.67 5.67
N ILE A 67 -20.53 46.34 6.48
CA ILE A 67 -20.40 46.25 7.93
C ILE A 67 -20.63 44.82 8.40
N GLU A 68 -21.63 44.16 7.82
CA GLU A 68 -21.93 42.77 8.14
C GLU A 68 -20.77 41.86 7.72
N PHE A 69 -20.24 42.10 6.52
CA PHE A 69 -19.07 41.39 6.03
C PHE A 69 -17.91 41.49 7.03
N LEU A 70 -17.62 42.71 7.48
CA LEU A 70 -16.52 42.95 8.40
C LEU A 70 -16.75 42.34 9.78
N ASN A 71 -17.98 42.45 10.29
CA ASN A 71 -18.31 41.86 11.60
C ASN A 71 -18.15 40.35 11.59
N GLU A 72 -18.56 39.73 10.48
CA GLU A 72 -18.47 38.28 10.32
C GLU A 72 -17.02 37.83 10.31
N ALA A 73 -16.14 38.70 9.82
CA ALA A 73 -14.71 38.43 9.82
C ALA A 73 -14.14 38.55 11.23
N SER A 74 -14.63 39.53 11.99
CA SER A 74 -14.18 39.72 13.36
C SER A 74 -14.40 38.49 14.22
N VAL A 75 -15.55 37.83 14.02
CA VAL A 75 -15.85 36.63 14.78
C VAL A 75 -14.86 35.51 14.47
N MET A 76 -14.60 35.29 13.18
CA MET A 76 -13.69 34.24 12.74
C MET A 76 -12.24 34.50 13.16
N LYS A 77 -11.86 35.78 13.28
CA LYS A 77 -10.53 36.16 13.74
C LYS A 77 -10.05 35.22 14.85
N GLU A 78 -10.92 35.02 15.84
CA GLU A 78 -10.56 34.33 17.07
C GLU A 78 -10.30 32.85 16.90
N PHE A 79 -11.06 32.21 16.02
CA PHE A 79 -10.96 30.77 15.85
C PHE A 79 -9.61 30.35 15.26
N ASN A 80 -8.77 29.75 16.10
CA ASN A 80 -7.53 29.15 15.61
C ASN A 80 -7.46 27.66 15.98
N CYS A 81 -8.04 26.83 15.12
CA CYS A 81 -8.07 25.39 15.31
C CYS A 81 -7.76 24.73 13.97
N HIS A 82 -7.07 23.61 13.99
CA HIS A 82 -6.65 22.96 12.76
C HIS A 82 -7.84 22.47 11.93
N HIS A 83 -9.01 22.33 12.57
CA HIS A 83 -10.19 21.85 11.86
C HIS A 83 -11.23 22.94 11.65
N VAL A 84 -10.78 24.19 11.73
CA VAL A 84 -11.59 25.34 11.37
C VAL A 84 -10.83 26.18 10.35
N VAL A 85 -11.48 26.48 9.23
CA VAL A 85 -10.82 27.25 8.19
C VAL A 85 -10.35 28.60 8.73
N ARG A 86 -9.05 28.87 8.59
CA ARG A 86 -8.46 30.05 9.23
C ARG A 86 -8.62 31.34 8.42
N LEU A 87 -8.92 32.44 9.13
CA LEU A 87 -8.88 33.76 8.55
C LEU A 87 -7.46 34.28 8.71
N LEU A 88 -6.86 34.73 7.60
CA LEU A 88 -5.44 35.05 7.59
C LEU A 88 -5.16 36.55 7.64
N GLY A 89 -6.20 37.35 7.41
CA GLY A 89 -6.05 38.79 7.43
C GLY A 89 -7.07 39.54 6.58
N VAL A 90 -6.97 40.86 6.58
CA VAL A 90 -7.90 41.70 5.84
C VAL A 90 -7.16 42.77 5.05
N VAL A 91 -7.63 43.05 3.85
CA VAL A 91 -7.14 44.20 3.07
C VAL A 91 -8.19 45.30 3.12
N SER A 92 -8.03 46.23 4.07
CA SER A 92 -9.04 47.25 4.31
C SER A 92 -8.72 48.58 3.62
N GLN A 93 -7.43 48.83 3.40
CA GLN A 93 -7.00 50.13 2.88
C GLN A 93 -6.99 50.19 1.36
N GLY A 94 -8.19 50.13 0.78
CA GLY A 94 -8.36 50.23 -0.66
C GLY A 94 -9.77 49.88 -1.03
N GLN A 95 -9.94 49.30 -2.22
CA GLN A 95 -11.26 48.86 -2.67
C GLN A 95 -11.03 47.96 -3.88
N PRO A 96 -11.66 46.77 -3.88
CA PRO A 96 -12.66 46.24 -2.94
C PRO A 96 -12.04 45.70 -1.65
N THR A 97 -12.84 45.69 -0.58
CA THR A 97 -12.39 45.14 0.70
C THR A 97 -12.18 43.64 0.55
N LEU A 98 -11.07 43.14 1.09
CA LEU A 98 -10.75 41.73 0.97
C LEU A 98 -10.61 41.07 2.34
N VAL A 99 -11.17 39.87 2.46
CA VAL A 99 -10.86 39.01 3.59
C VAL A 99 -10.10 37.80 3.07
N ILE A 100 -8.89 37.60 3.56
CA ILE A 100 -8.04 36.51 3.09
C ILE A 100 -8.21 35.24 3.95
N MET A 101 -8.72 34.19 3.32
CA MET A 101 -8.97 32.92 4.00
C MET A 101 -7.97 31.84 3.63
N GLU A 102 -7.96 30.77 4.42
CA GLU A 102 -7.21 29.57 4.10
C GLU A 102 -7.81 28.94 2.85
N LEU A 103 -6.96 28.48 1.94
CA LEU A 103 -7.45 27.84 0.73
C LEU A 103 -7.73 26.36 0.97
N MET A 104 -8.93 25.94 0.62
CA MET A 104 -9.32 24.54 0.70
C MET A 104 -9.55 24.04 -0.72
N THR A 105 -8.52 23.45 -1.32
CA THR A 105 -8.51 23.18 -2.75
C THR A 105 -9.61 22.27 -3.28
N ARG A 106 -10.19 21.44 -2.41
CA ARG A 106 -11.21 20.52 -2.88
C ARG A 106 -12.65 21.00 -2.61
N GLY A 107 -12.78 22.24 -2.18
CA GLY A 107 -14.08 22.88 -2.06
C GLY A 107 -14.93 22.43 -0.88
N ASP A 108 -16.23 22.69 -0.96
CA ASP A 108 -17.15 22.34 0.11
C ASP A 108 -17.44 20.84 0.15
N LEU A 109 -17.53 20.29 1.35
CA LEU A 109 -17.69 18.86 1.54
C LEU A 109 -18.87 18.25 0.78
N LYS A 110 -19.98 18.96 0.70
CA LYS A 110 -21.17 18.42 0.04
C LYS A 110 -20.93 18.05 -1.42
N SER A 111 -20.48 19.02 -2.22
CA SER A 111 -20.26 18.75 -3.64
C SER A 111 -19.03 17.87 -3.85
N TYR A 112 -18.15 17.80 -2.85
CA TYR A 112 -17.02 16.88 -2.92
C TYR A 112 -17.49 15.44 -2.78
N LEU A 113 -18.42 15.21 -1.87
CA LEU A 113 -18.99 13.88 -1.65
C LEU A 113 -19.74 13.41 -2.89
N ARG A 114 -20.45 14.34 -3.53
CA ARG A 114 -21.21 14.01 -4.73
C ARG A 114 -20.27 13.64 -5.88
N SER A 115 -19.12 14.30 -5.93
CA SER A 115 -18.13 14.04 -6.98
C SER A 115 -17.55 12.64 -6.85
N LEU A 116 -17.79 12.00 -5.71
CA LEU A 116 -17.27 10.66 -5.44
C LEU A 116 -18.19 9.58 -5.98
N ARG A 117 -19.39 9.96 -6.40
CA ARG A 117 -20.36 9.01 -6.92
C ARG A 117 -19.94 8.51 -8.31
N PRO A 118 -20.14 7.21 -8.55
CA PRO A 118 -19.71 6.54 -9.79
C PRO A 118 -20.45 6.95 -11.05
N GLU A 119 -21.26 8.02 -11.00
CA GLU A 119 -21.99 8.47 -12.18
C GLU A 119 -21.59 9.87 -12.63
N ASN A 123 -12.43 10.91 -12.42
CA ASN A 123 -11.23 11.30 -11.68
C ASN A 123 -10.63 10.14 -10.90
N PRO A 124 -9.48 9.63 -11.37
CA PRO A 124 -8.77 8.48 -10.80
C PRO A 124 -8.47 8.64 -9.31
N VAL A 125 -8.59 9.86 -8.80
CA VAL A 125 -8.24 10.14 -7.41
C VAL A 125 -9.47 10.29 -6.52
N LEU A 126 -10.65 10.07 -7.09
CA LEU A 126 -11.91 10.22 -6.35
C LEU A 126 -12.71 8.91 -6.29
N ALA A 127 -12.79 8.31 -5.11
CA ALA A 127 -13.57 7.10 -4.90
C ALA A 127 -14.36 7.19 -3.60
N PRO A 128 -15.52 6.53 -3.53
CA PRO A 128 -16.30 6.52 -2.29
C PRO A 128 -15.40 6.17 -1.11
N PRO A 129 -15.61 6.81 0.05
CA PRO A 129 -14.68 6.63 1.16
C PRO A 129 -14.89 5.29 1.85
N SER A 130 -13.81 4.69 2.33
CA SER A 130 -13.92 3.50 3.17
C SER A 130 -14.47 3.91 4.54
N LEU A 131 -14.77 2.92 5.38
CA LEU A 131 -15.22 3.21 6.74
C LEU A 131 -14.17 4.03 7.47
N SER A 132 -12.91 3.75 7.18
CA SER A 132 -11.80 4.42 7.84
C SER A 132 -11.73 5.90 7.46
N LYS A 133 -11.92 6.20 6.18
CA LYS A 133 -11.93 7.59 5.71
C LYS A 133 -13.12 8.35 6.32
N MET A 134 -14.26 7.68 6.40
CA MET A 134 -15.46 8.29 6.95
C MET A 134 -15.28 8.62 8.44
N ILE A 135 -14.57 7.75 9.16
CA ILE A 135 -14.29 8.01 10.57
C ILE A 135 -13.39 9.22 10.72
N GLN A 136 -12.42 9.34 9.83
CA GLN A 136 -11.50 10.47 9.83
C GLN A 136 -12.24 11.78 9.62
N MET A 137 -13.08 11.84 8.58
CA MET A 137 -13.92 13.01 8.34
C MET A 137 -14.76 13.33 9.57
N ALA A 138 -15.28 12.29 10.21
CA ALA A 138 -16.15 12.45 11.38
C ALA A 138 -15.43 13.05 12.58
N GLY A 139 -14.25 12.51 12.91
CA GLY A 139 -13.47 13.02 14.02
C GLY A 139 -13.01 14.44 13.78
N GLU A 140 -12.58 14.72 12.54
CA GLU A 140 -12.10 16.04 12.18
C GLU A 140 -13.20 17.09 12.31
N ILE A 141 -14.39 16.75 11.82
CA ILE A 141 -15.54 17.65 11.94
C ILE A 141 -15.94 17.80 13.41
N ALA A 142 -15.92 16.70 14.15
CA ALA A 142 -16.31 16.72 15.55
C ALA A 142 -15.29 17.51 16.37
N ASP A 143 -14.03 17.41 16.00
CA ASP A 143 -12.97 18.15 16.69
C ASP A 143 -13.23 19.65 16.58
N GLY A 144 -13.39 20.14 15.36
CA GLY A 144 -13.68 21.55 15.13
C GLY A 144 -14.91 22.02 15.88
N MET A 145 -15.89 21.14 16.02
CA MET A 145 -17.11 21.49 16.76
C MET A 145 -16.87 21.49 18.27
N ALA A 146 -16.09 20.51 18.74
CA ALA A 146 -15.67 20.49 20.14
C ALA A 146 -15.01 21.83 20.44
N TYR A 147 -14.16 22.26 19.52
CA TYR A 147 -13.44 23.52 19.68
C TYR A 147 -14.38 24.72 19.84
N LEU A 148 -15.36 24.83 18.94
CA LEU A 148 -16.36 25.91 19.01
C LEU A 148 -17.11 25.91 20.33
N ASN A 149 -17.71 24.77 20.66
CA ASN A 149 -18.50 24.65 21.86
C ASN A 149 -17.68 24.98 23.10
N ALA A 150 -16.39 24.70 23.03
CA ALA A 150 -15.48 24.95 24.14
C ALA A 150 -15.21 26.43 24.32
N ASN A 151 -15.21 27.18 23.22
CA ASN A 151 -15.08 28.63 23.29
C ASN A 151 -16.46 29.26 23.41
N LYS A 152 -17.42 28.44 23.82
CA LYS A 152 -18.78 28.90 24.09
C LYS A 152 -19.47 29.51 22.88
N PHE A 153 -19.41 28.79 21.75
CA PHE A 153 -20.13 29.18 20.56
C PHE A 153 -21.02 28.04 20.09
N VAL A 154 -22.18 28.39 19.54
CA VAL A 154 -23.02 27.43 18.85
C VAL A 154 -22.98 27.74 17.37
N HIS A 155 -22.76 26.73 16.54
CA HIS A 155 -22.66 26.95 15.10
C HIS A 155 -24.02 27.27 14.50
N ARG A 156 -25.01 26.43 14.81
CA ARG A 156 -26.38 26.60 14.34
C ARG A 156 -26.59 26.18 12.88
N ASP A 157 -25.51 25.82 12.19
CA ASP A 157 -25.60 25.57 10.75
C ASP A 157 -24.63 24.51 10.25
N LEU A 158 -24.40 23.47 11.05
CA LEU A 158 -23.54 22.38 10.63
C LEU A 158 -24.19 21.57 9.52
N ALA A 159 -23.48 21.44 8.41
CA ALA A 159 -23.94 20.66 7.26
C ALA A 159 -22.76 20.48 6.33
N ALA A 160 -22.82 19.49 5.45
CA ALA A 160 -21.69 19.19 4.57
C ALA A 160 -21.30 20.39 3.73
N ARG A 161 -22.30 21.15 3.28
CA ARG A 161 -22.07 22.32 2.44
C ARG A 161 -21.32 23.41 3.18
N ASN A 162 -21.30 23.34 4.51
CA ASN A 162 -20.62 24.34 5.33
C ASN A 162 -19.29 23.86 5.87
N CYS A 163 -18.86 22.69 5.41
CA CYS A 163 -17.52 22.18 5.68
C CYS A 163 -16.74 22.24 4.37
N MET A 164 -15.41 22.24 4.46
CA MET A 164 -14.58 22.32 3.27
C MET A 164 -13.51 21.23 3.30
N VAL A 165 -13.05 20.82 2.13
CA VAL A 165 -12.03 19.77 2.05
C VAL A 165 -10.69 20.33 1.56
N ALA A 166 -9.64 20.03 2.31
CA ALA A 166 -8.30 20.51 1.98
C ALA A 166 -7.62 19.63 0.93
N GLU A 167 -6.44 20.06 0.48
CA GLU A 167 -5.69 19.32 -0.53
C GLU A 167 -5.36 17.90 -0.06
N ASP A 168 -5.03 17.74 1.22
CA ASP A 168 -4.70 16.42 1.76
C ASP A 168 -5.94 15.70 2.30
N PHE A 169 -7.11 16.21 1.94
CA PHE A 169 -8.40 15.58 2.27
C PHE A 169 -8.90 15.84 3.69
N THR A 170 -8.17 16.66 4.44
CA THR A 170 -8.61 17.08 5.77
C THR A 170 -9.90 17.87 5.65
N VAL A 171 -10.89 17.55 6.50
CA VAL A 171 -12.15 18.28 6.50
C VAL A 171 -12.17 19.31 7.64
N LYS A 172 -12.70 20.49 7.36
CA LYS A 172 -12.75 21.55 8.35
C LYS A 172 -14.10 22.27 8.32
N ILE A 173 -14.51 22.82 9.47
CA ILE A 173 -15.69 23.67 9.52
C ILE A 173 -15.36 24.98 8.83
N GLY A 174 -16.17 25.38 7.86
CA GLY A 174 -15.78 26.45 6.97
C GLY A 174 -16.70 27.66 6.79
N ASP A 175 -17.83 27.68 7.50
CA ASP A 175 -18.75 28.82 7.39
C ASP A 175 -19.37 29.13 8.73
N PHE A 176 -19.33 30.40 9.13
CA PHE A 176 -19.73 30.79 10.48
C PHE A 176 -20.74 31.93 10.53
N GLY A 177 -21.43 32.17 9.43
CA GLY A 177 -22.39 33.26 9.36
C GLY A 177 -23.47 33.24 10.42
N MET A 178 -23.78 32.05 10.95
CA MET A 178 -24.91 31.90 11.86
C MET A 178 -24.50 31.63 13.31
N THR A 179 -23.20 31.66 13.59
CA THR A 179 -22.74 31.34 14.94
C THR A 179 -23.18 32.39 15.96
N ARG A 180 -23.49 31.93 17.17
CA ARG A 180 -23.88 32.81 18.25
C ARG A 180 -23.03 32.54 19.50
N ASP A 181 -22.76 33.58 20.26
CA ASP A 181 -21.98 33.47 21.48
C ASP A 181 -22.91 33.06 22.63
N ILE A 182 -22.60 31.95 23.28
CA ILE A 182 -23.48 31.43 24.33
C ILE A 182 -22.82 31.36 25.70
N PTR A 183 -21.79 32.16 25.90
CA PTR A 183 -21.20 32.35 27.22
C PTR A 183 -22.32 32.85 28.13
O PTR A 183 -23.10 33.73 27.73
CB PTR A 183 -20.05 33.38 27.13
CG PTR A 183 -19.29 33.59 28.42
CD1 PTR A 183 -19.74 34.45 29.41
CD2 PTR A 183 -18.08 32.94 28.64
CE1 PTR A 183 -19.02 34.65 30.60
CE2 PTR A 183 -17.36 33.13 29.82
CZ PTR A 183 -17.84 33.98 30.79
OH PTR A 183 -17.13 34.17 31.96
N GLU A 184 -22.43 32.26 29.31
CA GLU A 184 -23.31 32.78 30.38
C GLU A 184 -24.69 32.10 30.42
N THR A 185 -25.21 31.80 29.23
CA THR A 185 -26.58 31.31 29.09
C THR A 185 -26.57 29.86 28.61
N ASP A 186 -25.65 29.54 27.72
CA ASP A 186 -25.52 28.19 27.15
C ASP A 186 -26.58 27.83 26.10
N PTR A 187 -27.46 28.78 25.79
CA PTR A 187 -28.38 28.61 24.66
C PTR A 187 -28.55 29.90 23.88
O PTR A 187 -28.19 30.98 24.36
CB PTR A 187 -29.76 28.08 25.08
CG PTR A 187 -30.58 29.09 25.84
CD1 PTR A 187 -31.47 29.94 25.20
CD2 PTR A 187 -30.48 29.18 27.23
CE1 PTR A 187 -32.23 30.87 25.89
CE2 PTR A 187 -31.23 30.10 27.93
CZ PTR A 187 -32.10 30.94 27.27
OH PTR A 187 -32.75 31.76 27.92
P PTR A 187 -34.36 31.84 27.95
O1P PTR A 187 -34.73 32.83 28.98
O2P PTR A 187 -34.93 30.46 28.32
O3P PTR A 187 -34.89 32.30 26.58
N PTR A 188 -29.08 29.80 22.68
CA PTR A 188 -29.47 30.97 21.90
C PTR A 188 -30.91 30.75 21.45
O PTR A 188 -31.22 29.75 20.80
CB PTR A 188 -28.57 31.20 20.69
CG PTR A 188 -29.14 32.20 19.70
CD1 PTR A 188 -29.16 33.56 19.97
CD2 PTR A 188 -29.70 31.77 18.50
CE1 PTR A 188 -29.69 34.47 19.07
CE2 PTR A 188 -30.23 32.66 17.59
CZ PTR A 188 -30.23 34.02 17.87
OH PTR A 188 -30.72 34.78 17.03
P PTR A 188 -30.64 36.39 17.09
O1P PTR A 188 -31.07 36.86 18.42
O2P PTR A 188 -31.59 36.96 16.01
O3P PTR A 188 -29.20 36.84 16.80
N ARG A 189 -31.80 31.68 21.80
CA ARG A 189 -33.19 31.59 21.38
C ARG A 189 -33.47 32.57 20.25
N LYS A 190 -33.89 32.04 19.11
CA LYS A 190 -34.18 32.87 17.93
C LYS A 190 -35.48 33.64 18.12
N GLY A 191 -35.39 34.97 18.00
CA GLY A 191 -36.54 35.82 18.17
C GLY A 191 -37.55 35.73 17.05
N GLY A 192 -37.13 36.14 15.85
CA GLY A 192 -38.04 36.19 14.72
C GLY A 192 -37.68 35.25 13.59
N LYS A 193 -37.82 35.75 12.35
CA LYS A 193 -37.55 34.96 11.16
C LYS A 193 -36.13 34.43 11.11
N GLY A 194 -35.98 33.13 10.90
CA GLY A 194 -34.67 32.52 10.72
C GLY A 194 -34.57 31.86 9.36
N LEU A 195 -33.35 31.69 8.86
CA LEU A 195 -33.15 31.16 7.51
C LEU A 195 -32.38 29.84 7.44
N LEU A 196 -32.15 29.21 8.59
CA LEU A 196 -31.54 27.88 8.61
C LEU A 196 -32.47 26.88 7.94
N PRO A 197 -31.89 25.98 7.13
CA PRO A 197 -32.67 24.94 6.43
C PRO A 197 -33.27 23.92 7.41
N VAL A 198 -34.54 23.57 7.23
CA VAL A 198 -35.23 22.70 8.19
C VAL A 198 -34.62 21.32 8.32
N ARG A 199 -34.11 20.77 7.22
CA ARG A 199 -33.66 19.39 7.19
C ARG A 199 -32.39 19.12 8.00
N TRP A 200 -31.84 20.17 8.62
CA TRP A 200 -30.65 20.01 9.46
C TRP A 200 -30.89 20.47 10.90
N MET A 201 -32.13 20.83 11.21
CA MET A 201 -32.46 21.41 12.52
C MET A 201 -32.98 20.37 13.52
N SER A 202 -32.59 20.53 14.78
CA SER A 202 -33.07 19.66 15.85
C SER A 202 -34.57 19.86 16.10
N PRO A 203 -35.21 18.84 16.70
CA PRO A 203 -36.63 18.94 17.08
C PRO A 203 -36.91 20.15 17.98
N GLU A 204 -36.04 20.40 18.95
CA GLU A 204 -36.26 21.50 19.88
C GLU A 204 -36.02 22.86 19.22
N SER A 205 -35.12 22.90 18.24
CA SER A 205 -34.88 24.12 17.48
C SER A 205 -36.12 24.44 16.65
N LEU A 206 -36.67 23.41 16.03
CA LEU A 206 -37.87 23.54 15.21
C LEU A 206 -39.06 24.04 16.04
N LYS A 207 -39.13 23.58 17.28
CA LYS A 207 -40.26 23.82 18.16
C LYS A 207 -40.22 25.19 18.84
N ASP A 208 -39.06 25.53 19.39
CA ASP A 208 -38.93 26.73 20.21
C ASP A 208 -37.80 27.68 19.77
N GLY A 209 -37.10 27.33 18.70
CA GLY A 209 -36.02 28.15 18.22
C GLY A 209 -34.88 28.20 19.22
N VAL A 210 -34.77 27.14 20.02
CA VAL A 210 -33.69 27.02 20.98
C VAL A 210 -32.47 26.36 20.36
N PHE A 211 -31.29 26.91 20.61
CA PHE A 211 -30.05 26.36 20.07
C PHE A 211 -29.02 26.14 21.16
N THR A 212 -28.45 24.95 21.20
CA THR A 212 -27.41 24.63 22.17
C THR A 212 -26.32 23.82 21.50
N THR A 213 -25.41 23.29 22.31
CA THR A 213 -24.39 22.38 21.78
C THR A 213 -25.06 21.08 21.37
N TYR A 214 -26.18 20.75 22.03
CA TYR A 214 -26.92 19.54 21.72
C TYR A 214 -27.51 19.62 20.32
N SER A 215 -28.06 20.78 19.95
CA SER A 215 -28.66 20.91 18.62
C SER A 215 -27.57 20.92 17.54
N ASP A 216 -26.35 21.28 17.93
CA ASP A 216 -25.21 21.13 17.03
C ASP A 216 -24.90 19.64 16.83
N VAL A 217 -25.02 18.87 17.90
CA VAL A 217 -24.80 17.43 17.83
C VAL A 217 -25.85 16.77 16.93
N TRP A 218 -27.08 17.27 17.00
CA TRP A 218 -28.13 16.79 16.09
C TRP A 218 -27.69 16.95 14.64
N SER A 219 -27.19 18.14 14.31
CA SER A 219 -26.78 18.42 12.93
C SER A 219 -25.62 17.52 12.51
N PHE A 220 -24.67 17.30 13.42
CA PHE A 220 -23.55 16.41 13.17
C PHE A 220 -24.07 15.04 12.72
N GLY A 221 -25.12 14.56 13.40
CA GLY A 221 -25.74 13.31 13.04
C GLY A 221 -26.19 13.34 11.59
N VAL A 222 -26.73 14.48 11.17
CA VAL A 222 -27.21 14.63 9.80
C VAL A 222 -26.07 14.68 8.77
N VAL A 223 -24.91 15.22 9.14
CA VAL A 223 -23.81 15.23 8.17
C VAL A 223 -23.14 13.86 8.07
N LEU A 224 -23.23 13.07 9.13
CA LEU A 224 -22.80 11.68 9.06
C LEU A 224 -23.65 10.97 8.02
N TRP A 225 -24.95 11.23 8.07
CA TRP A 225 -25.89 10.67 7.12
C TRP A 225 -25.50 11.08 5.70
N GLU A 226 -25.15 12.35 5.54
CA GLU A 226 -24.73 12.87 4.23
C GLU A 226 -23.50 12.15 3.72
N ILE A 227 -22.56 11.88 4.61
CA ILE A 227 -21.33 11.19 4.24
C ILE A 227 -21.64 9.77 3.78
N ALA A 228 -22.59 9.13 4.47
CA ALA A 228 -22.98 7.76 4.16
C ALA A 228 -23.84 7.68 2.91
N THR A 229 -24.36 8.82 2.47
CA THR A 229 -25.20 8.85 1.28
C THR A 229 -24.49 9.54 0.13
N LEU A 230 -23.24 9.92 0.35
CA LEU A 230 -22.53 10.76 -0.60
C LEU A 230 -23.41 11.97 -0.94
N ALA A 231 -23.98 12.55 0.09
CA ALA A 231 -24.70 13.83 0.01
C ALA A 231 -26.00 13.78 -0.77
N GLU A 232 -26.92 12.93 -0.34
CA GLU A 232 -28.29 12.98 -0.84
C GLU A 232 -29.06 13.98 0.03
N GLN A 233 -30.19 14.46 -0.46
CA GLN A 233 -31.02 15.33 0.35
C GLN A 233 -31.67 14.53 1.46
N PRO A 234 -31.49 14.96 2.72
CA PRO A 234 -32.15 14.31 3.85
C PRO A 234 -33.67 14.40 3.75
N TYR A 235 -34.36 13.32 4.11
CA TYR A 235 -35.82 13.28 4.10
C TYR A 235 -36.42 13.46 2.71
N GLN A 236 -35.69 13.01 1.68
CA GLN A 236 -36.24 13.03 0.33
C GLN A 236 -37.61 12.35 0.36
N GLY A 237 -38.55 12.87 -0.41
CA GLY A 237 -39.90 12.33 -0.42
C GLY A 237 -40.84 13.15 0.43
N LEU A 238 -40.27 13.94 1.34
CA LEU A 238 -41.05 14.87 2.13
C LEU A 238 -40.76 16.30 1.67
N SER A 239 -41.75 17.16 1.75
CA SER A 239 -41.53 18.58 1.51
C SER A 239 -41.01 19.22 2.79
N ASN A 240 -40.47 20.43 2.66
CA ASN A 240 -39.93 21.14 3.82
C ASN A 240 -40.92 21.21 4.97
N GLU A 241 -42.19 21.36 4.63
CA GLU A 241 -43.23 21.47 5.63
C GLU A 241 -43.52 20.14 6.30
N GLN A 242 -43.31 19.05 5.56
CA GLN A 242 -43.54 17.71 6.09
C GLN A 242 -42.36 17.25 6.93
N VAL A 243 -41.17 17.78 6.63
CA VAL A 243 -40.00 17.52 7.45
C VAL A 243 -40.19 18.15 8.82
N LEU A 244 -40.75 19.35 8.85
CA LEU A 244 -40.98 20.06 10.10
C LEU A 244 -41.84 19.25 11.05
N ARG A 245 -42.94 18.70 10.55
CA ARG A 245 -43.84 17.88 11.38
C ARG A 245 -43.22 16.54 11.73
N PHE A 246 -42.60 15.90 10.75
CA PHE A 246 -41.99 14.59 10.94
C PHE A 246 -40.95 14.62 12.06
N VAL A 247 -39.99 15.53 11.93
CA VAL A 247 -38.86 15.63 12.87
C VAL A 247 -39.25 16.20 14.24
N MET A 248 -40.27 17.05 14.26
CA MET A 248 -40.68 17.67 15.52
C MET A 248 -41.39 16.63 16.37
N GLU A 249 -41.98 15.64 15.71
CA GLU A 249 -42.77 14.64 16.40
C GLU A 249 -42.02 13.34 16.63
N GLY A 250 -40.71 13.36 16.38
CA GLY A 250 -39.85 12.25 16.75
C GLY A 250 -39.39 11.35 15.61
N GLY A 251 -39.73 11.71 14.38
CA GLY A 251 -39.33 10.95 13.22
C GLY A 251 -37.84 11.05 12.98
N LEU A 252 -37.26 10.02 12.37
CA LEU A 252 -35.82 10.00 12.10
C LEU A 252 -35.52 9.58 10.67
N LEU A 253 -34.35 9.96 10.18
CA LEU A 253 -33.85 9.47 8.90
C LEU A 253 -33.62 7.97 8.99
N ASP A 254 -33.95 7.26 7.93
CA ASP A 254 -33.69 5.82 7.86
C ASP A 254 -32.21 5.57 7.61
N LYS A 255 -31.70 4.47 8.15
CA LYS A 255 -30.32 4.06 7.89
C LYS A 255 -30.09 3.89 6.39
N PRO A 256 -29.09 4.61 5.85
CA PRO A 256 -28.78 4.53 4.41
C PRO A 256 -28.44 3.10 4.02
N ASP A 257 -28.74 2.73 2.77
CA ASP A 257 -28.42 1.40 2.27
C ASP A 257 -26.90 1.18 2.30
N ASN A 258 -26.49 0.02 2.80
CA ASN A 258 -25.06 -0.33 2.85
C ASN A 258 -24.26 0.46 3.89
N CYS A 259 -24.96 1.25 4.70
CA CYS A 259 -24.28 2.08 5.70
C CYS A 259 -23.65 1.23 6.79
N PRO A 260 -22.37 1.48 7.11
CA PRO A 260 -21.71 0.78 8.21
C PRO A 260 -22.56 0.85 9.48
N ASP A 261 -22.76 -0.28 10.13
CA ASP A 261 -23.61 -0.35 11.32
C ASP A 261 -23.18 0.64 12.39
N MET A 262 -21.87 0.81 12.51
CA MET A 262 -21.27 1.69 13.52
C MET A 262 -21.70 3.13 13.29
N LEU A 263 -21.67 3.56 12.03
CA LEU A 263 -22.01 4.94 11.69
C LEU A 263 -23.46 5.26 12.01
N PHE A 264 -24.36 4.32 11.70
CA PHE A 264 -25.77 4.54 11.97
C PHE A 264 -26.07 4.59 13.46
N GLU A 265 -25.41 3.74 14.25
CA GLU A 265 -25.60 3.76 15.70
C GLU A 265 -25.20 5.11 16.26
N LEU A 266 -24.17 5.71 15.66
CA LEU A 266 -23.69 7.03 16.08
C LEU A 266 -24.73 8.10 15.75
N MET A 267 -25.34 7.99 14.58
CA MET A 267 -26.41 8.91 14.20
C MET A 267 -27.56 8.82 15.20
N ARG A 268 -27.90 7.61 15.60
CA ARG A 268 -28.99 7.38 16.54
C ARG A 268 -28.77 8.06 17.87
N MET A 269 -27.53 8.07 18.34
CA MET A 269 -27.20 8.74 19.60
C MET A 269 -27.30 10.25 19.45
N CYS A 270 -26.97 10.76 18.26
CA CYS A 270 -27.08 12.18 17.97
C CYS A 270 -28.53 12.61 17.81
N TRP A 271 -29.39 11.69 17.44
CA TRP A 271 -30.78 12.04 17.17
C TRP A 271 -31.72 11.68 18.30
N GLN A 272 -31.20 11.61 19.52
CA GLN A 272 -32.03 11.44 20.70
C GLN A 272 -33.04 12.57 20.74
N TYR A 273 -34.27 12.27 21.13
CA TYR A 273 -35.30 13.29 21.20
C TYR A 273 -34.98 14.28 22.32
N ASN A 274 -34.58 13.74 23.46
CA ASN A 274 -34.15 14.55 24.60
C ASN A 274 -32.71 15.01 24.43
N PRO A 275 -32.52 16.32 24.18
CA PRO A 275 -31.20 16.87 23.86
C PRO A 275 -30.12 16.44 24.85
N LYS A 276 -30.50 16.23 26.10
CA LYS A 276 -29.53 15.89 27.14
C LYS A 276 -29.03 14.45 27.03
N MET A 277 -29.70 13.64 26.22
CA MET A 277 -29.30 12.24 26.04
C MET A 277 -28.34 12.07 24.87
N ARG A 278 -27.99 13.16 24.21
CA ARG A 278 -27.04 13.12 23.11
C ARG A 278 -25.62 13.10 23.65
N PRO A 279 -24.67 12.62 22.85
CA PRO A 279 -23.26 12.72 23.23
C PRO A 279 -22.77 14.14 23.00
N SER A 280 -21.69 14.52 23.69
CA SER A 280 -21.00 15.75 23.37
C SER A 280 -20.03 15.40 22.26
N PHE A 281 -19.48 16.42 21.59
CA PHE A 281 -18.50 16.16 20.55
C PHE A 281 -17.25 15.51 21.14
N LEU A 282 -16.93 15.86 22.39
CA LEU A 282 -15.80 15.25 23.08
C LEU A 282 -16.00 13.76 23.28
N GLU A 283 -17.22 13.37 23.64
CA GLU A 283 -17.54 11.95 23.79
C GLU A 283 -17.49 11.22 22.46
N ILE A 284 -17.94 11.88 21.40
CA ILE A 284 -17.92 11.32 20.06
C ILE A 284 -16.50 11.03 19.60
N ILE A 285 -15.63 12.04 19.69
CA ILE A 285 -14.23 11.88 19.32
C ILE A 285 -13.57 10.77 20.14
N SER A 286 -13.89 10.75 21.43
CA SER A 286 -13.32 9.78 22.36
C SER A 286 -13.63 8.35 21.94
N SER A 287 -14.80 8.14 21.37
CA SER A 287 -15.25 6.80 20.99
C SER A 287 -14.60 6.30 19.70
N ILE A 288 -13.97 7.20 18.95
CA ILE A 288 -13.34 6.81 17.68
C ILE A 288 -11.88 7.24 17.59
N LYS A 289 -11.29 7.67 18.69
CA LYS A 289 -9.95 8.24 18.66
C LYS A 289 -8.86 7.25 18.23
N GLU A 290 -9.01 5.98 18.60
CA GLU A 290 -8.00 5.00 18.23
C GLU A 290 -8.10 4.62 16.76
N GLU A 291 -9.14 5.11 16.09
CA GLU A 291 -9.32 4.85 14.66
C GLU A 291 -8.95 6.06 13.82
N MET A 292 -8.63 7.17 14.49
CA MET A 292 -8.11 8.34 13.79
C MET A 292 -6.68 8.06 13.36
N GLU A 293 -6.26 8.70 12.28
CA GLU A 293 -4.90 8.51 11.79
C GLU A 293 -3.90 9.24 12.68
N PRO A 294 -2.64 8.76 12.72
CA PRO A 294 -1.61 9.20 13.66
C PRO A 294 -1.54 10.72 13.87
N GLY A 295 -1.58 11.50 12.79
CA GLY A 295 -1.38 12.93 12.88
C GLY A 295 -2.41 13.71 13.70
N PHE A 296 -3.49 13.04 14.10
CA PHE A 296 -4.58 13.70 14.81
C PHE A 296 -4.14 14.28 16.15
N ARG A 297 -3.27 13.55 16.85
CA ARG A 297 -2.84 13.94 18.19
C ARG A 297 -2.01 15.23 18.20
N GLU A 298 -1.33 15.52 17.11
CA GLU A 298 -0.50 16.72 17.05
C GLU A 298 -1.22 17.97 16.55
N VAL A 299 -2.45 17.81 16.05
CA VAL A 299 -3.15 18.95 15.45
C VAL A 299 -4.55 19.24 16.00
N SER A 300 -5.17 18.26 16.66
CA SER A 300 -6.56 18.40 17.09
C SER A 300 -6.72 19.28 18.33
N PHE A 301 -7.95 19.74 18.55
CA PHE A 301 -8.30 20.39 19.81
C PHE A 301 -8.35 19.34 20.90
N TYR A 302 -8.80 18.14 20.53
CA TYR A 302 -8.97 17.05 21.48
C TYR A 302 -7.73 16.84 22.34
N TYR A 303 -6.56 16.77 21.71
CA TYR A 303 -5.32 16.50 22.43
C TYR A 303 -4.51 17.77 22.70
N SER A 304 -5.19 18.91 22.81
CA SER A 304 -4.50 20.17 23.10
C SER A 304 -4.61 20.51 24.57
N GLU A 305 -3.76 21.43 25.02
CA GLU A 305 -3.82 21.89 26.41
C GLU A 305 -5.11 22.66 26.66
N GLU A 306 -5.61 23.34 25.63
CA GLU A 306 -6.88 24.05 25.73
C GLU A 306 -7.94 23.10 26.26
N ASN A 307 -7.93 21.87 25.77
CA ASN A 307 -8.93 20.88 26.16
C ASN A 307 -8.64 20.29 27.54
N SER B 2 17.37 16.52 16.77
CA SER B 2 16.09 15.85 16.57
C SER B 2 16.18 14.67 15.63
N PHE B 3 16.37 14.94 14.34
CA PHE B 3 16.45 13.90 13.31
C PHE B 3 17.58 12.92 13.61
N SER B 4 17.26 11.64 13.65
CA SER B 4 18.25 10.61 14.02
C SER B 4 18.00 9.28 13.32
N ALA B 5 18.69 8.25 13.80
CA ALA B 5 18.58 6.91 13.23
C ALA B 5 17.18 6.33 13.40
N ALA B 6 16.49 6.75 14.46
CA ALA B 6 15.14 6.28 14.73
C ALA B 6 14.17 6.71 13.64
N ASP B 7 14.56 7.71 12.85
CA ASP B 7 13.71 8.22 11.79
C ASP B 7 13.88 7.42 10.50
N VAL B 8 15.01 6.74 10.37
CA VAL B 8 15.36 6.07 9.12
C VAL B 8 15.24 4.54 9.16
N TYR B 9 15.68 3.94 10.25
CA TYR B 9 15.80 2.48 10.33
C TYR B 9 14.56 1.76 10.85
N VAL B 10 13.42 2.44 10.91
CA VAL B 10 12.18 1.80 11.33
C VAL B 10 10.96 2.52 10.72
N PRO B 11 10.00 1.74 10.20
CA PRO B 11 8.84 2.29 9.51
C PRO B 11 7.96 3.10 10.45
N ASP B 12 7.31 4.14 9.92
CA ASP B 12 6.44 4.97 10.75
C ASP B 12 5.18 4.22 11.17
N GLU B 13 4.83 3.19 10.43
CA GLU B 13 3.63 2.38 10.70
C GLU B 13 3.66 1.80 12.11
N TRP B 14 4.87 1.48 12.60
CA TRP B 14 5.01 0.82 13.89
C TRP B 14 5.05 1.80 15.06
N GLU B 15 4.98 3.09 14.76
CA GLU B 15 5.11 4.10 15.78
C GLU B 15 3.88 4.22 16.68
N VAL B 16 4.12 4.35 17.98
CA VAL B 16 3.05 4.70 18.92
C VAL B 16 3.39 6.03 19.58
N ALA B 17 2.38 6.86 19.81
CA ALA B 17 2.57 8.17 20.44
C ALA B 17 3.06 8.00 21.87
N ARG B 18 4.07 8.77 22.26
CA ARG B 18 4.65 8.65 23.59
C ARG B 18 3.63 8.97 24.68
N GLU B 19 2.63 9.79 24.35
CA GLU B 19 1.59 10.14 25.31
C GLU B 19 0.78 8.92 25.72
N LYS B 20 0.68 7.96 24.80
CA LYS B 20 -0.04 6.71 25.06
C LYS B 20 0.72 5.86 26.07
N ILE B 21 1.95 6.25 26.40
CA ILE B 21 2.81 5.43 27.24
C ILE B 21 3.02 6.01 28.65
N THR B 22 3.03 5.13 29.64
CA THR B 22 3.33 5.51 31.01
C THR B 22 4.26 4.48 31.65
N MET B 23 5.38 4.92 32.23
CA MET B 23 6.35 4.01 32.83
C MET B 23 6.17 3.87 34.34
N SER B 24 6.03 2.63 34.81
CA SER B 24 5.80 2.35 36.23
C SER B 24 7.08 2.24 37.05
N ARG B 25 7.86 1.19 36.81
CA ARG B 25 9.12 0.99 37.53
C ARG B 25 10.11 0.21 36.69
N GLU B 26 11.35 0.16 37.15
CA GLU B 26 12.37 -0.63 36.47
C GLU B 26 12.07 -2.11 36.61
N LEU B 27 12.35 -2.87 35.55
CA LEU B 27 12.32 -4.32 35.62
C LEU B 27 13.75 -4.81 35.74
N GLY B 28 14.57 -4.43 34.76
CA GLY B 28 15.98 -4.77 34.77
C GLY B 28 16.73 -4.06 33.66
N GLN B 29 18.05 -4.22 33.67
CA GLN B 29 18.89 -3.66 32.63
C GLN B 29 18.81 -4.55 31.40
N GLY B 30 18.60 -3.93 30.24
CA GLY B 30 18.54 -4.67 28.99
C GLY B 30 19.83 -4.53 28.21
N SER B 31 19.85 -5.06 27.00
CA SER B 31 21.03 -5.00 26.15
C SER B 31 21.43 -3.56 25.85
N PHE B 32 20.45 -2.71 25.62
CA PHE B 32 20.72 -1.35 25.15
C PHE B 32 20.31 -0.27 26.14
N GLY B 33 19.77 -0.68 27.29
CA GLY B 33 19.36 0.28 28.30
C GLY B 33 18.41 -0.30 29.31
N MET B 34 18.05 0.51 30.31
CA MET B 34 17.13 0.06 31.35
C MET B 34 15.76 -0.28 30.76
N VAL B 35 15.17 -1.36 31.24
CA VAL B 35 13.83 -1.73 30.82
C VAL B 35 12.84 -1.37 31.92
N TYR B 36 11.68 -0.86 31.52
CA TYR B 36 10.69 -0.42 32.49
C TYR B 36 9.38 -1.17 32.35
N GLU B 37 8.62 -1.22 33.42
CA GLU B 37 7.25 -1.71 33.35
C GLU B 37 6.35 -0.52 33.06
N GLY B 38 5.18 -0.76 32.49
CA GLY B 38 4.27 0.34 32.20
C GLY B 38 3.01 -0.06 31.47
N VAL B 39 2.23 0.95 31.11
CA VAL B 39 0.98 0.74 30.38
C VAL B 39 1.03 1.47 29.04
N ALA B 40 0.26 1.00 28.07
CA ALA B 40 0.24 1.60 26.75
C ALA B 40 -1.18 1.68 26.19
N LYS B 41 -1.64 2.91 25.94
CA LYS B 41 -2.99 3.14 25.44
C LYS B 41 -3.14 2.77 23.95
N GLY B 42 -4.01 1.81 23.68
CA GLY B 42 -4.38 1.48 22.31
C GLY B 42 -3.24 0.96 21.44
N VAL B 43 -2.60 -0.12 21.89
CA VAL B 43 -1.53 -0.75 21.11
C VAL B 43 -1.91 -2.17 20.71
N VAL B 44 -3.08 -2.60 21.14
CA VAL B 44 -3.58 -3.93 20.78
C VAL B 44 -5.08 -3.87 20.48
N LYS B 45 -5.49 -4.60 19.44
CA LYS B 45 -6.90 -4.62 19.03
C LYS B 45 -7.83 -4.98 20.18
N ASP B 46 -8.96 -4.29 20.26
CA ASP B 46 -9.96 -4.54 21.29
C ASP B 46 -9.36 -4.53 22.68
N GLU B 47 -8.51 -3.53 22.94
CA GLU B 47 -7.82 -3.41 24.21
C GLU B 47 -7.41 -1.95 24.41
N PRO B 48 -7.95 -1.30 25.45
CA PRO B 48 -7.70 0.12 25.68
C PRO B 48 -6.33 0.34 26.33
N GLU B 49 -6.12 -0.29 27.48
CA GLU B 49 -4.85 -0.18 28.19
C GLU B 49 -4.17 -1.53 28.33
N THR B 50 -2.91 -1.60 27.91
CA THR B 50 -2.15 -2.84 27.96
C THR B 50 -0.91 -2.69 28.85
N ARG B 51 -0.66 -3.68 29.69
CA ARG B 51 0.57 -3.73 30.47
C ARG B 51 1.70 -4.10 29.53
N VAL B 52 2.80 -3.34 29.57
CA VAL B 52 3.90 -3.58 28.65
C VAL B 52 5.27 -3.45 29.30
N ALA B 53 6.27 -4.03 28.63
CA ALA B 53 7.67 -3.84 29.00
C ALA B 53 8.25 -2.82 28.04
N ILE B 54 8.98 -1.84 28.59
CA ILE B 54 9.52 -0.77 27.77
C ILE B 54 11.05 -0.78 27.75
N LYS B 55 11.62 -1.14 26.61
CA LYS B 55 13.06 -1.07 26.45
C LYS B 55 13.44 0.34 26.00
N THR B 56 14.38 0.97 26.68
CA THR B 56 14.79 2.33 26.32
C THR B 56 16.21 2.39 25.79
N VAL B 57 16.54 3.50 25.15
CA VAL B 57 17.91 3.79 24.75
C VAL B 57 18.23 5.24 25.11
N ASN B 58 19.22 5.42 25.98
CA ASN B 58 19.61 6.73 26.46
C ASN B 58 19.88 7.71 25.33
N GLU B 59 19.68 8.99 25.62
CA GLU B 59 20.01 10.05 24.70
C GLU B 59 21.50 10.03 24.37
N ALA B 60 22.29 9.55 25.30
CA ALA B 60 23.75 9.55 25.16
C ALA B 60 24.29 8.35 24.38
N ALA B 61 23.42 7.40 24.06
CA ALA B 61 23.84 6.22 23.33
C ALA B 61 24.34 6.59 21.93
N SER B 62 25.43 5.95 21.51
CA SER B 62 26.02 6.23 20.19
C SER B 62 25.10 5.77 19.06
N MET B 63 25.18 6.45 17.93
CA MET B 63 24.36 6.12 16.77
C MET B 63 24.46 4.64 16.42
N ARG B 64 25.67 4.10 16.50
CA ARG B 64 25.91 2.71 16.15
C ARG B 64 25.09 1.76 16.99
N GLU B 65 24.97 2.04 18.28
CA GLU B 65 24.17 1.21 19.17
C GLU B 65 22.69 1.44 18.94
N ARG B 66 22.33 2.65 18.54
CA ARG B 66 20.93 2.95 18.24
C ARG B 66 20.48 2.21 16.98
N ILE B 67 21.34 2.17 15.98
CA ILE B 67 21.04 1.39 14.77
C ILE B 67 20.87 -0.09 15.10
N GLU B 68 21.75 -0.61 15.95
CA GLU B 68 21.69 -2.00 16.39
C GLU B 68 20.38 -2.28 17.12
N PHE B 69 20.07 -1.41 18.07
CA PHE B 69 18.83 -1.46 18.82
C PHE B 69 17.62 -1.54 17.89
N LEU B 70 17.61 -0.68 16.87
CA LEU B 70 16.48 -0.63 15.94
C LEU B 70 16.42 -1.84 15.01
N ASN B 71 17.58 -2.33 14.57
CA ASN B 71 17.64 -3.52 13.75
C ASN B 71 17.11 -4.74 14.49
N GLU B 72 17.50 -4.87 15.75
CA GLU B 72 17.02 -5.97 16.59
C GLU B 72 15.49 -5.92 16.65
N ALA B 73 14.96 -4.73 16.93
CA ALA B 73 13.51 -4.52 16.94
C ALA B 73 12.90 -4.97 15.61
N SER B 74 13.51 -4.57 14.51
CA SER B 74 12.98 -4.87 13.18
C SER B 74 12.96 -6.36 12.87
N VAL B 75 13.83 -7.12 13.51
CA VAL B 75 13.86 -8.56 13.35
C VAL B 75 12.71 -9.17 14.17
N MET B 76 12.43 -8.55 15.31
CA MET B 76 11.46 -9.06 16.26
C MET B 76 10.02 -8.78 15.82
N LYS B 77 9.80 -7.62 15.21
CA LYS B 77 8.47 -7.22 14.76
C LYS B 77 7.80 -8.32 13.95
N GLU B 78 8.61 -9.03 13.17
CA GLU B 78 8.09 -10.02 12.22
C GLU B 78 7.67 -11.33 12.88
N PHE B 79 8.07 -11.53 14.13
CA PHE B 79 7.70 -12.74 14.85
C PHE B 79 6.31 -12.62 15.48
N ASN B 80 5.38 -13.39 14.93
CA ASN B 80 4.00 -13.38 15.40
C ASN B 80 3.57 -14.78 15.82
N CYS B 81 3.81 -15.10 17.09
CA CYS B 81 3.52 -16.42 17.63
C CYS B 81 3.18 -16.31 19.11
N HIS B 82 2.30 -17.17 19.59
CA HIS B 82 1.85 -17.11 20.98
C HIS B 82 2.97 -17.51 21.96
N HIS B 83 3.99 -18.20 21.46
CA HIS B 83 5.09 -18.63 22.32
C HIS B 83 6.36 -17.85 22.05
N VAL B 84 6.20 -16.66 21.50
CA VAL B 84 7.28 -15.71 21.35
C VAL B 84 6.81 -14.40 21.99
N VAL B 85 7.68 -13.77 22.77
CA VAL B 85 7.32 -12.48 23.35
C VAL B 85 7.16 -11.47 22.23
N ARG B 86 6.00 -10.81 22.18
CA ARG B 86 5.66 -9.97 21.03
C ARG B 86 6.14 -8.52 21.17
N LEU B 87 6.56 -7.93 20.06
CA LEU B 87 6.89 -6.51 19.99
C LEU B 87 5.65 -5.75 19.53
N LEU B 88 5.22 -4.77 20.32
CA LEU B 88 3.96 -4.10 20.08
C LEU B 88 4.10 -2.74 19.39
N GLY B 89 5.32 -2.19 19.38
CA GLY B 89 5.55 -0.93 18.70
C GLY B 89 6.81 -0.20 19.11
N VAL B 90 7.12 0.87 18.39
CA VAL B 90 8.31 1.68 18.67
C VAL B 90 7.93 3.14 18.84
N VAL B 91 8.68 3.87 19.66
CA VAL B 91 8.53 5.31 19.75
C VAL B 91 9.81 5.97 19.26
N SER B 92 9.73 6.57 18.08
CA SER B 92 10.92 7.07 17.39
C SER B 92 11.10 8.58 17.53
N GLN B 93 10.06 9.25 18.03
CA GLN B 93 10.12 10.70 18.20
C GLN B 93 10.46 11.07 19.64
N GLY B 94 11.52 11.86 19.80
CA GLY B 94 11.94 12.31 21.11
C GLY B 94 12.77 11.29 21.86
N GLN B 95 13.50 11.77 22.87
CA GLN B 95 14.31 10.90 23.71
C GLN B 95 13.55 10.50 24.96
N PRO B 96 13.72 9.24 25.39
CA PRO B 96 14.56 8.26 24.69
C PRO B 96 13.78 7.54 23.60
N THR B 97 14.48 6.79 22.76
CA THR B 97 13.83 5.92 21.81
C THR B 97 13.30 4.71 22.57
N LEU B 98 12.01 4.43 22.41
CA LEU B 98 11.38 3.34 23.15
C LEU B 98 10.99 2.19 22.24
N VAL B 99 11.18 0.97 22.73
CA VAL B 99 10.58 -0.20 22.09
C VAL B 99 9.62 -0.82 23.08
N ILE B 100 8.38 -1.05 22.66
CA ILE B 100 7.34 -1.54 23.55
C ILE B 100 7.09 -3.03 23.36
N MET B 101 7.20 -3.78 24.46
CA MET B 101 7.10 -5.23 24.40
C MET B 101 5.92 -5.76 25.20
N GLU B 102 5.44 -6.93 24.82
CA GLU B 102 4.48 -7.68 25.62
C GLU B 102 5.09 -7.91 27.00
N LEU B 103 4.34 -7.57 28.05
CA LEU B 103 4.86 -7.73 29.41
C LEU B 103 4.69 -9.16 29.91
N MET B 104 5.79 -9.74 30.39
CA MET B 104 5.78 -11.06 31.00
C MET B 104 5.93 -10.88 32.51
N THR B 105 4.80 -10.86 33.21
CA THR B 105 4.77 -10.42 34.61
C THR B 105 5.57 -11.29 35.57
N ARG B 106 5.96 -12.48 35.14
CA ARG B 106 6.68 -13.40 36.04
C ARG B 106 8.18 -13.51 35.75
N GLY B 107 8.68 -12.65 34.86
CA GLY B 107 10.11 -12.55 34.62
C GLY B 107 10.71 -13.67 33.79
N ASP B 108 12.03 -13.72 33.74
CA ASP B 108 12.73 -14.75 32.97
C ASP B 108 12.62 -16.13 33.62
N LEU B 109 12.59 -17.16 32.80
CA LEU B 109 12.44 -18.54 33.27
C LEU B 109 13.44 -18.93 34.34
N LYS B 110 14.70 -18.56 34.15
CA LYS B 110 15.77 -18.95 35.08
C LYS B 110 15.52 -18.44 36.50
N SER B 111 15.18 -17.16 36.61
CA SER B 111 14.86 -16.58 37.91
C SER B 111 13.64 -17.28 38.51
N TYR B 112 12.59 -17.42 37.72
CA TYR B 112 11.39 -18.10 38.19
C TYR B 112 11.74 -19.47 38.76
N LEU B 113 12.48 -20.27 37.99
CA LEU B 113 12.86 -21.61 38.44
C LEU B 113 13.59 -21.59 39.77
N ARG B 114 14.41 -20.57 39.99
CA ARG B 114 15.17 -20.47 41.22
C ARG B 114 14.29 -20.04 42.39
N SER B 115 13.23 -19.30 42.09
CA SER B 115 12.30 -18.86 43.12
C SER B 115 11.50 -20.04 43.66
N LEU B 116 11.45 -21.12 42.89
CA LEU B 116 10.75 -22.34 43.29
C LEU B 116 11.54 -23.15 44.30
N ARG B 117 12.84 -22.90 44.38
CA ARG B 117 13.70 -23.65 45.28
C ARG B 117 13.31 -23.42 46.73
N PRO B 118 13.10 -24.53 47.47
CA PRO B 118 12.71 -24.42 48.88
C PRO B 118 13.87 -23.85 49.67
N GLU B 119 13.72 -22.63 50.17
CA GLU B 119 14.78 -22.01 50.95
C GLU B 119 14.35 -20.63 51.45
N ALA B 127 14.07 -31.13 44.64
CA ALA B 127 12.89 -31.62 43.94
C ALA B 127 12.51 -30.73 42.77
N PRO B 128 12.28 -31.34 41.60
CA PRO B 128 11.84 -30.60 40.41
C PRO B 128 10.36 -30.22 40.56
N PRO B 129 9.81 -29.47 39.60
CA PRO B 129 8.35 -29.35 39.54
C PRO B 129 7.78 -30.65 38.99
N SER B 130 6.46 -30.80 38.99
CA SER B 130 5.83 -32.03 38.49
C SER B 130 6.12 -32.24 37.00
N LEU B 131 6.13 -33.50 36.58
CA LEU B 131 6.40 -33.82 35.18
C LEU B 131 5.45 -33.05 34.26
N SER B 132 4.20 -32.89 34.69
CA SER B 132 3.20 -32.19 33.89
C SER B 132 3.58 -30.73 33.62
N LYS B 133 3.97 -30.03 34.67
CA LYS B 133 4.42 -28.65 34.55
C LYS B 133 5.60 -28.56 33.61
N MET B 134 6.56 -29.46 33.81
CA MET B 134 7.78 -29.48 33.00
C MET B 134 7.46 -29.78 31.53
N ILE B 135 6.61 -30.77 31.28
CA ILE B 135 6.17 -31.07 29.93
C ILE B 135 5.54 -29.82 29.30
N GLN B 136 4.74 -29.11 30.10
CA GLN B 136 4.07 -27.91 29.62
C GLN B 136 5.08 -26.86 29.18
N MET B 137 6.00 -26.53 30.08
CA MET B 137 7.06 -25.58 29.78
C MET B 137 7.81 -25.99 28.51
N ALA B 138 8.15 -27.27 28.43
CA ALA B 138 8.94 -27.79 27.33
C ALA B 138 8.21 -27.70 25.99
N GLY B 139 6.91 -28.00 26.00
CA GLY B 139 6.12 -27.97 24.77
C GLY B 139 5.96 -26.56 24.25
N GLU B 140 5.92 -25.60 25.17
CA GLU B 140 5.76 -24.20 24.82
C GLU B 140 7.05 -23.64 24.21
N ILE B 141 8.17 -23.96 24.85
CA ILE B 141 9.47 -23.57 24.33
C ILE B 141 9.72 -24.20 22.96
N ALA B 142 9.49 -25.51 22.86
CA ALA B 142 9.69 -26.22 21.61
C ALA B 142 8.82 -25.65 20.48
N ASP B 143 7.57 -25.35 20.80
CA ASP B 143 6.64 -24.79 19.81
C ASP B 143 7.17 -23.48 19.24
N GLY B 144 7.66 -22.61 20.11
CA GLY B 144 8.23 -21.34 19.68
C GLY B 144 9.45 -21.53 18.80
N MET B 145 10.31 -22.49 19.18
CA MET B 145 11.49 -22.81 18.39
C MET B 145 11.10 -23.38 17.03
N ALA B 146 10.03 -24.17 17.00
CA ALA B 146 9.52 -24.72 15.75
C ALA B 146 9.03 -23.60 14.84
N TYR B 147 8.40 -22.58 15.45
CA TYR B 147 7.96 -21.43 14.70
C TYR B 147 9.15 -20.70 14.09
N LEU B 148 10.18 -20.47 14.90
CA LEU B 148 11.38 -19.79 14.44
C LEU B 148 12.00 -20.49 13.24
N ASN B 149 12.25 -21.79 13.39
CA ASN B 149 12.92 -22.55 12.34
C ASN B 149 12.09 -22.71 11.07
N ALA B 150 10.77 -22.70 11.22
CA ALA B 150 9.89 -22.73 10.06
C ALA B 150 10.04 -21.42 9.29
N ASN B 151 10.33 -20.35 10.01
CA ASN B 151 10.58 -19.05 9.40
C ASN B 151 12.06 -18.88 9.04
N LYS B 152 12.79 -20.00 9.12
CA LYS B 152 14.19 -20.04 8.71
C LYS B 152 15.11 -19.13 9.53
N PHE B 153 15.04 -19.26 10.85
CA PHE B 153 15.94 -18.57 11.76
C PHE B 153 16.57 -19.55 12.74
N VAL B 154 17.87 -19.37 13.01
CA VAL B 154 18.49 -20.05 14.16
C VAL B 154 18.57 -19.07 15.31
N HIS B 155 18.11 -19.52 16.48
CA HIS B 155 18.15 -18.68 17.68
C HIS B 155 19.57 -18.50 18.17
N ARG B 156 20.27 -19.63 18.34
CA ARG B 156 21.67 -19.65 18.75
C ARG B 156 21.92 -19.36 20.23
N ASP B 157 20.88 -18.99 20.97
CA ASP B 157 21.06 -18.60 22.36
C ASP B 157 19.93 -19.08 23.29
N LEU B 158 19.42 -20.28 23.01
CA LEU B 158 18.34 -20.84 23.82
C LEU B 158 18.82 -21.19 25.20
N ALA B 159 18.22 -20.59 26.22
CA ALA B 159 18.55 -20.86 27.61
C ALA B 159 17.43 -20.34 28.50
N ALA B 160 17.31 -20.91 29.70
CA ALA B 160 16.25 -20.52 30.61
C ALA B 160 16.19 -19.00 30.81
N ARG B 161 17.35 -18.36 30.81
CA ARG B 161 17.42 -16.93 31.09
C ARG B 161 16.91 -16.10 29.91
N ASN B 162 16.71 -16.75 28.77
CA ASN B 162 16.21 -16.06 27.58
C ASN B 162 14.75 -16.41 27.29
N CYS B 163 14.14 -17.20 28.17
CA CYS B 163 12.73 -17.50 28.09
C CYS B 163 11.98 -16.67 29.14
N MET B 164 10.70 -16.45 28.91
CA MET B 164 9.90 -15.64 29.83
C MET B 164 8.68 -16.40 30.32
N VAL B 165 8.19 -16.00 31.50
CA VAL B 165 7.02 -16.62 32.09
C VAL B 165 5.90 -15.59 32.24
N ALA B 166 4.78 -15.86 31.59
CA ALA B 166 3.64 -14.95 31.59
C ALA B 166 2.88 -15.00 32.91
N GLU B 167 1.86 -14.16 33.02
CA GLU B 167 1.01 -14.14 34.21
C GLU B 167 0.38 -15.50 34.47
N ASP B 168 0.00 -16.20 33.40
CA ASP B 168 -0.65 -17.51 33.54
C ASP B 168 0.35 -18.67 33.43
N PHE B 169 1.62 -18.36 33.61
CA PHE B 169 2.69 -19.36 33.68
C PHE B 169 3.13 -19.90 32.31
N THR B 170 2.58 -19.35 31.24
CA THR B 170 3.02 -19.74 29.90
C THR B 170 4.47 -19.30 29.67
N VAL B 171 5.29 -20.22 29.18
CA VAL B 171 6.66 -19.87 28.84
C VAL B 171 6.75 -19.42 27.38
N LYS B 172 7.55 -18.39 27.14
CA LYS B 172 7.76 -17.89 25.78
C LYS B 172 9.25 -17.63 25.56
N ILE B 173 9.65 -17.56 24.30
CA ILE B 173 11.02 -17.22 23.95
C ILE B 173 11.15 -15.70 23.87
N GLY B 174 12.20 -15.14 24.48
CA GLY B 174 12.23 -13.71 24.74
C GLY B 174 13.36 -12.85 24.19
N ASP B 175 14.55 -13.40 24.03
CA ASP B 175 15.69 -12.61 23.58
C ASP B 175 16.23 -13.09 22.23
N PHE B 176 16.16 -12.23 21.22
CA PHE B 176 16.55 -12.61 19.88
C PHE B 176 17.80 -11.88 19.38
N GLY B 177 18.64 -11.45 20.31
CA GLY B 177 19.83 -10.70 19.98
C GLY B 177 20.86 -11.45 19.15
N MET B 178 20.82 -12.77 19.16
CA MET B 178 21.81 -13.56 18.44
C MET B 178 21.24 -14.30 17.24
N THR B 179 19.96 -14.12 16.98
CA THR B 179 19.28 -14.87 15.91
C THR B 179 19.90 -14.58 14.53
N ARG B 180 19.94 -15.61 13.69
CA ARG B 180 20.48 -15.47 12.34
C ARG B 180 19.54 -16.07 11.30
N ASP B 181 19.40 -15.38 10.17
CA ASP B 181 18.59 -15.86 9.07
C ASP B 181 19.30 -17.00 8.34
N ILE B 182 18.63 -18.13 8.19
CA ILE B 182 19.21 -19.26 7.47
C ILE B 182 18.33 -19.69 6.29
N PTR B 183 17.75 -18.69 5.61
CA PTR B 183 16.85 -18.95 4.47
C PTR B 183 17.55 -19.64 3.30
O PTR B 183 16.90 -20.04 2.34
CB PTR B 183 16.20 -17.66 3.98
CG PTR B 183 15.49 -17.87 2.68
CD1 PTR B 183 14.32 -18.60 2.62
CD2 PTR B 183 16.02 -17.40 1.48
CE1 PTR B 183 13.67 -18.84 1.42
CE2 PTR B 183 15.38 -17.63 0.28
CZ PTR B 183 14.20 -18.35 0.25
OH PTR B 183 13.55 -18.59 -0.94
N GLU B 184 18.86 -19.78 3.41
CA GLU B 184 19.63 -20.55 2.44
C GLU B 184 20.48 -21.40 3.34
N THR B 185 21.43 -22.13 2.78
CA THR B 185 22.48 -22.75 3.60
C THR B 185 21.91 -23.67 4.68
N ASP B 186 21.09 -23.11 5.57
CA ASP B 186 20.46 -23.81 6.67
C ASP B 186 21.38 -23.84 7.86
N PTR B 187 22.50 -23.15 7.74
CA PTR B 187 23.42 -23.00 8.85
C PTR B 187 23.89 -21.56 8.92
O PTR B 187 23.65 -20.73 8.02
CB PTR B 187 24.60 -23.97 8.74
CG PTR B 187 25.58 -23.65 7.62
CD1 PTR B 187 26.82 -23.10 7.90
CD2 PTR B 187 25.31 -23.97 6.29
CE1 PTR B 187 27.73 -22.82 6.91
CE2 PTR B 187 26.22 -23.70 5.29
CZ PTR B 187 27.43 -23.13 5.60
OH PTR B 187 28.24 -22.86 4.70
P PTR B 187 29.81 -23.24 4.78
O1P PTR B 187 30.34 -22.69 6.03
O2P PTR B 187 30.60 -22.65 3.59
O3P PTR B 187 29.98 -24.76 4.83
N PTR B 188 24.55 -21.25 10.03
CA PTR B 188 25.25 -20.00 10.17
C PTR B 188 26.64 -20.37 10.71
O PTR B 188 26.74 -21.08 11.70
CB PTR B 188 24.56 -19.07 11.16
CG PTR B 188 25.42 -17.89 11.58
CD1 PTR B 188 25.62 -16.82 10.71
CD2 PTR B 188 26.04 -17.83 12.82
CE1 PTR B 188 26.40 -15.74 11.07
CE2 PTR B 188 26.83 -16.76 13.17
CZ PTR B 188 27.00 -15.71 12.30
OH PTR B 188 27.73 -14.80 12.68
P PTR B 188 27.96 -13.34 12.00
O1P PTR B 188 26.96 -13.04 10.96
O2P PTR B 188 29.38 -13.30 11.38
O3P PTR B 188 27.87 -12.27 13.10
N ARG B 189 27.69 -19.91 10.04
CA ARG B 189 29.02 -20.13 10.54
C ARG B 189 29.58 -18.83 11.10
N LYS B 190 29.99 -18.87 12.36
CA LYS B 190 30.50 -17.69 13.06
C LYS B 190 31.90 -17.34 12.56
N GLY B 191 32.05 -16.14 12.00
CA GLY B 191 33.33 -15.69 11.49
C GLY B 191 34.40 -15.62 12.57
N GLY B 192 34.31 -14.59 13.41
CA GLY B 192 35.30 -14.39 14.45
C GLY B 192 34.75 -14.57 15.85
N LYS B 193 35.14 -13.66 16.74
CA LYS B 193 34.72 -13.73 18.14
C LYS B 193 33.21 -13.85 18.31
N GLY B 194 32.80 -14.72 19.22
CA GLY B 194 31.39 -14.84 19.60
C GLY B 194 31.28 -14.75 21.12
N LEU B 195 30.14 -14.29 21.60
CA LEU B 195 29.97 -14.09 23.04
C LEU B 195 28.87 -14.96 23.66
N LEU B 196 28.55 -16.06 22.98
CA LEU B 196 27.58 -17.02 23.51
C LEU B 196 28.20 -17.82 24.67
N PRO B 197 27.38 -18.13 25.68
CA PRO B 197 27.82 -18.91 26.85
C PRO B 197 28.19 -20.34 26.47
N VAL B 198 29.32 -20.83 26.97
CA VAL B 198 29.83 -22.15 26.61
C VAL B 198 28.87 -23.28 26.96
N ARG B 199 28.15 -23.14 28.07
CA ARG B 199 27.43 -24.26 28.67
C ARG B 199 26.14 -24.64 27.93
N TRP B 200 25.74 -23.84 26.95
CA TRP B 200 24.56 -24.15 26.15
C TRP B 200 24.92 -24.46 24.69
N MET B 201 26.22 -24.56 24.39
CA MET B 201 26.69 -24.75 23.02
C MET B 201 26.91 -26.21 22.64
N SER B 202 26.35 -26.61 21.50
CA SER B 202 26.51 -27.98 21.00
C SER B 202 27.97 -28.27 20.70
N PRO B 203 28.33 -29.57 20.68
CA PRO B 203 29.71 -29.95 20.31
C PRO B 203 30.13 -29.37 18.96
N GLU B 204 29.23 -29.35 17.99
CA GLU B 204 29.59 -28.86 16.66
C GLU B 204 29.80 -27.34 16.62
N SER B 205 29.07 -26.62 17.46
CA SER B 205 29.22 -25.17 17.53
C SER B 205 30.56 -24.81 18.17
N LEU B 206 30.93 -25.53 19.22
CA LEU B 206 32.19 -25.31 19.93
C LEU B 206 33.38 -25.64 19.03
N LYS B 207 33.22 -26.65 18.20
CA LYS B 207 34.29 -27.16 17.36
C LYS B 207 34.51 -26.30 16.10
N ASP B 208 33.42 -25.94 15.43
CA ASP B 208 33.51 -25.28 14.12
C ASP B 208 32.73 -23.97 13.99
N GLY B 209 32.06 -23.55 15.07
CA GLY B 209 31.29 -22.32 15.03
C GLY B 209 30.10 -22.40 14.09
N VAL B 210 29.56 -23.61 13.95
CA VAL B 210 28.41 -23.82 13.07
C VAL B 210 27.11 -23.94 13.87
N PHE B 211 26.07 -23.26 13.39
CA PHE B 211 24.78 -23.27 14.06
C PHE B 211 23.66 -23.63 13.09
N THR B 212 22.85 -24.62 13.48
CA THR B 212 21.72 -25.05 12.69
C THR B 212 20.52 -25.19 13.61
N THR B 213 19.43 -25.75 13.08
CA THR B 213 18.28 -26.01 13.93
C THR B 213 18.64 -27.11 14.92
N TYR B 214 19.58 -27.97 14.52
CA TYR B 214 20.01 -29.08 15.37
C TYR B 214 20.76 -28.58 16.61
N SER B 215 21.46 -27.45 16.47
CA SER B 215 22.20 -26.91 17.60
C SER B 215 21.28 -26.19 18.59
N ASP B 216 20.21 -25.59 18.07
CA ASP B 216 19.17 -25.02 18.92
C ASP B 216 18.52 -26.13 19.74
N VAL B 217 18.37 -27.29 19.13
CA VAL B 217 17.81 -28.45 19.81
C VAL B 217 18.72 -28.97 20.91
N TRP B 218 20.03 -28.89 20.69
CA TRP B 218 20.98 -29.27 21.74
C TRP B 218 20.74 -28.41 22.97
N SER B 219 20.62 -27.10 22.75
CA SER B 219 20.46 -26.15 23.85
C SER B 219 19.13 -26.36 24.55
N PHE B 220 18.13 -26.78 23.79
CA PHE B 220 16.82 -27.10 24.32
C PHE B 220 16.94 -28.21 25.36
N GLY B 221 17.85 -29.15 25.10
CA GLY B 221 18.15 -30.19 26.05
C GLY B 221 18.67 -29.62 27.36
N VAL B 222 19.58 -28.66 27.25
CA VAL B 222 20.15 -28.02 28.43
C VAL B 222 19.06 -27.26 29.21
N VAL B 223 18.11 -26.68 28.48
CA VAL B 223 17.00 -25.98 29.12
C VAL B 223 16.10 -26.95 29.91
N LEU B 224 15.83 -28.12 29.33
CA LEU B 224 15.06 -29.15 30.02
C LEU B 224 15.74 -29.46 31.34
N TRP B 225 17.04 -29.72 31.26
CA TRP B 225 17.86 -29.99 32.43
C TRP B 225 17.76 -28.85 33.44
N GLU B 226 17.84 -27.62 32.94
CA GLU B 226 17.71 -26.44 33.79
C GLU B 226 16.42 -26.49 34.61
N ILE B 227 15.35 -26.96 33.98
CA ILE B 227 14.06 -27.06 34.64
C ILE B 227 14.06 -28.16 35.70
N ALA B 228 14.66 -29.30 35.38
CA ALA B 228 14.72 -30.43 36.31
C ALA B 228 15.60 -30.17 37.52
N THR B 229 16.49 -29.19 37.41
CA THR B 229 17.41 -28.87 38.50
C THR B 229 17.02 -27.55 39.17
N LEU B 230 15.98 -26.92 38.64
CA LEU B 230 15.55 -25.60 39.12
C LEU B 230 16.68 -24.58 38.97
N ALA B 231 17.28 -24.58 37.79
CA ALA B 231 18.26 -23.56 37.38
C ALA B 231 19.61 -23.66 38.08
N GLU B 232 20.18 -24.86 38.09
CA GLU B 232 21.56 -25.06 38.51
C GLU B 232 22.47 -24.76 37.33
N GLN B 233 23.67 -24.26 37.62
CA GLN B 233 24.65 -24.07 36.55
C GLN B 233 24.94 -25.42 35.92
N PRO B 234 24.76 -25.52 34.61
CA PRO B 234 25.14 -26.75 33.92
C PRO B 234 26.62 -27.03 34.10
N TYR B 235 27.01 -28.30 34.19
CA TYR B 235 28.42 -28.68 34.34
C TYR B 235 29.10 -28.01 35.52
N GLN B 236 28.38 -27.85 36.62
CA GLN B 236 28.94 -27.24 37.83
C GLN B 236 30.17 -28.02 38.30
N GLY B 237 31.19 -27.30 38.74
CA GLY B 237 32.43 -27.92 39.16
C GLY B 237 33.46 -27.91 38.06
N LEU B 238 32.99 -27.72 36.83
CA LEU B 238 33.88 -27.51 35.69
C LEU B 238 33.90 -26.02 35.37
N SER B 239 35.09 -25.50 35.07
CA SER B 239 35.20 -24.12 34.59
C SER B 239 34.81 -24.10 33.12
N ASN B 240 34.60 -22.90 32.59
CA ASN B 240 34.20 -22.75 31.19
C ASN B 240 35.10 -23.54 30.24
N GLU B 241 36.40 -23.30 30.35
CA GLU B 241 37.37 -23.97 29.49
C GLU B 241 37.31 -25.49 29.59
N GLN B 242 36.96 -25.99 30.78
CA GLN B 242 36.82 -27.43 30.98
C GLN B 242 35.51 -27.97 30.39
N VAL B 243 34.46 -27.16 30.45
CA VAL B 243 33.20 -27.53 29.81
C VAL B 243 33.42 -27.69 28.30
N LEU B 244 34.21 -26.80 27.72
CA LEU B 244 34.52 -26.84 26.29
C LEU B 244 35.12 -28.17 25.86
N ARG B 245 36.09 -28.67 26.63
CA ARG B 245 36.71 -29.95 26.32
C ARG B 245 35.78 -31.12 26.63
N PHE B 246 35.07 -31.00 27.75
CA PHE B 246 34.14 -32.05 28.17
C PHE B 246 33.06 -32.30 27.12
N VAL B 247 32.35 -31.24 26.74
CA VAL B 247 31.25 -31.34 25.79
C VAL B 247 31.71 -31.69 24.38
N MET B 248 32.84 -31.12 23.97
CA MET B 248 33.35 -31.32 22.62
C MET B 248 33.76 -32.77 22.39
N GLU B 249 34.22 -33.43 23.45
CA GLU B 249 34.72 -34.80 23.34
C GLU B 249 33.69 -35.87 23.71
N GLY B 250 32.44 -35.45 23.86
CA GLY B 250 31.35 -36.40 24.08
C GLY B 250 30.69 -36.35 25.43
N GLY B 251 31.17 -35.49 26.32
CA GLY B 251 30.62 -35.40 27.67
C GLY B 251 29.17 -34.95 27.69
N LEU B 252 28.43 -35.41 28.69
CA LEU B 252 27.03 -35.03 28.86
C LEU B 252 26.71 -34.71 30.31
N LEU B 253 25.66 -33.92 30.52
CA LEU B 253 25.17 -33.64 31.86
C LEU B 253 24.63 -34.92 32.47
N ASP B 254 24.66 -35.01 33.80
CA ASP B 254 24.12 -36.17 34.49
C ASP B 254 22.62 -36.04 34.68
N LYS B 255 21.95 -37.17 34.86
CA LYS B 255 20.54 -37.17 35.21
C LYS B 255 20.39 -36.59 36.60
N PRO B 256 19.57 -35.53 36.73
CA PRO B 256 19.31 -34.89 38.03
C PRO B 256 18.74 -35.89 39.03
N ASP B 257 18.94 -35.62 40.32
CA ASP B 257 18.58 -36.57 41.39
C ASP B 257 17.18 -37.20 41.24
N ASN B 258 16.16 -36.36 41.19
CA ASN B 258 14.79 -36.87 41.15
C ASN B 258 14.08 -36.54 39.85
N CYS B 259 14.81 -36.66 38.75
CA CYS B 259 14.29 -36.36 37.43
C CYS B 259 13.49 -37.53 36.86
N PRO B 260 12.26 -37.27 36.44
CA PRO B 260 11.44 -38.30 35.77
C PRO B 260 12.22 -38.93 34.62
N ASP B 261 12.23 -40.26 34.54
CA ASP B 261 12.99 -40.96 33.52
C ASP B 261 12.66 -40.42 32.13
N MET B 262 11.39 -40.13 31.92
CA MET B 262 10.90 -39.67 30.62
C MET B 262 11.68 -38.45 30.14
N LEU B 263 11.89 -37.50 31.05
CA LEU B 263 12.51 -36.24 30.67
C LEU B 263 14.00 -36.38 30.38
N PHE B 264 14.68 -37.24 31.11
CA PHE B 264 16.11 -37.45 30.86
C PHE B 264 16.35 -38.15 29.51
N GLU B 265 15.44 -39.02 29.11
CA GLU B 265 15.56 -39.69 27.83
C GLU B 265 15.40 -38.71 26.68
N LEU B 266 14.53 -37.72 26.86
CA LEU B 266 14.36 -36.68 25.86
C LEU B 266 15.63 -35.83 25.76
N MET B 267 16.21 -35.51 26.92
CA MET B 267 17.48 -34.82 26.96
C MET B 267 18.53 -35.58 26.17
N ARG B 268 18.55 -36.90 26.35
CA ARG B 268 19.56 -37.74 25.73
C ARG B 268 19.47 -37.75 24.21
N MET B 269 18.28 -37.50 23.69
CA MET B 269 18.08 -37.46 22.25
C MET B 269 18.55 -36.12 21.70
N CYS B 270 18.33 -35.07 22.47
CA CYS B 270 18.78 -33.74 22.10
C CYS B 270 20.31 -33.65 22.15
N TRP B 271 20.92 -34.41 23.05
CA TRP B 271 22.36 -34.37 23.21
C TRP B 271 23.10 -35.42 22.39
N GLN B 272 22.45 -35.95 21.36
CA GLN B 272 23.13 -36.84 20.43
C GLN B 272 24.34 -36.13 19.84
N TYR B 273 25.48 -36.81 19.82
CA TYR B 273 26.72 -36.20 19.38
C TYR B 273 26.64 -35.78 17.92
N ASN B 274 26.04 -36.65 17.11
CA ASN B 274 25.82 -36.40 15.70
C ASN B 274 24.57 -35.54 15.52
N PRO B 275 24.73 -34.33 14.98
CA PRO B 275 23.61 -33.40 14.81
C PRO B 275 22.41 -33.99 14.07
N LYS B 276 22.67 -34.77 13.01
CA LYS B 276 21.58 -35.32 12.22
C LYS B 276 20.80 -36.40 12.97
N MET B 277 21.34 -36.84 14.10
CA MET B 277 20.70 -37.89 14.90
C MET B 277 19.80 -37.32 16.00
N ARG B 278 19.68 -35.99 16.05
CA ARG B 278 18.83 -35.34 17.02
C ARG B 278 17.40 -35.19 16.51
N PRO B 279 16.44 -34.97 17.42
CA PRO B 279 15.05 -34.75 17.02
C PRO B 279 14.85 -33.34 16.49
N SER B 280 13.75 -33.10 15.78
CA SER B 280 13.37 -31.75 15.41
C SER B 280 12.39 -31.25 16.47
N PHE B 281 12.14 -29.94 16.49
CA PHE B 281 11.21 -29.40 17.47
C PHE B 281 9.80 -29.94 17.23
N LEU B 282 9.43 -30.09 15.96
CA LEU B 282 8.14 -30.67 15.62
C LEU B 282 8.00 -32.10 16.18
N GLU B 283 9.07 -32.87 16.08
CA GLU B 283 9.07 -34.24 16.58
C GLU B 283 8.96 -34.29 18.09
N ILE B 284 9.61 -33.34 18.76
CA ILE B 284 9.53 -33.22 20.21
C ILE B 284 8.12 -32.82 20.64
N ILE B 285 7.57 -31.79 20.02
CA ILE B 285 6.20 -31.37 20.30
C ILE B 285 5.24 -32.53 20.13
N SER B 286 5.33 -33.21 18.99
CA SER B 286 4.45 -34.31 18.66
C SER B 286 4.50 -35.43 19.70
N SER B 287 5.68 -35.66 20.29
CA SER B 287 5.85 -36.73 21.25
C SER B 287 5.28 -36.41 22.64
N ILE B 288 4.93 -35.15 22.88
CA ILE B 288 4.40 -34.77 24.19
C ILE B 288 3.04 -34.08 24.15
N LYS B 289 2.52 -33.82 22.95
CA LYS B 289 1.31 -33.02 22.82
C LYS B 289 0.12 -33.55 23.64
N GLU B 290 -0.04 -34.87 23.69
CA GLU B 290 -1.11 -35.46 24.49
C GLU B 290 -1.07 -35.00 25.94
N GLU B 291 0.14 -34.76 26.46
CA GLU B 291 0.29 -34.35 27.84
C GLU B 291 0.17 -32.83 28.02
N MET B 292 0.02 -32.12 26.91
CA MET B 292 -0.15 -30.66 26.97
C MET B 292 -1.55 -30.31 27.47
N GLU B 293 -1.68 -29.12 28.03
CA GLU B 293 -2.99 -28.62 28.44
C GLU B 293 -3.88 -28.40 27.23
N PRO B 294 -5.20 -28.35 27.44
CA PRO B 294 -6.22 -28.28 26.39
C PRO B 294 -6.12 -27.06 25.45
N GLY B 295 -5.55 -25.96 25.93
CA GLY B 295 -5.50 -24.75 25.12
C GLY B 295 -4.48 -24.75 23.99
N PHE B 296 -3.67 -25.80 23.91
CA PHE B 296 -2.55 -25.83 22.97
C PHE B 296 -2.96 -25.85 21.50
N ARG B 297 -4.13 -26.39 21.20
CA ARG B 297 -4.54 -26.57 19.82
C ARG B 297 -5.02 -25.25 19.21
N GLU B 298 -5.28 -24.26 20.05
CA GLU B 298 -5.81 -22.99 19.58
C GLU B 298 -4.75 -21.90 19.48
N VAL B 299 -3.70 -22.00 20.29
CA VAL B 299 -2.69 -20.94 20.36
C VAL B 299 -1.35 -21.27 19.69
N SER B 300 -1.00 -22.55 19.66
CA SER B 300 0.33 -22.96 19.22
C SER B 300 0.58 -22.76 17.73
N PHE B 301 1.86 -22.81 17.35
CA PHE B 301 2.25 -22.82 15.95
C PHE B 301 1.97 -24.20 15.37
N TYR B 302 2.03 -25.20 16.24
CA TYR B 302 1.94 -26.61 15.84
C TYR B 302 0.64 -26.96 15.12
N TYR B 303 -0.48 -26.48 15.62
CA TYR B 303 -1.78 -26.80 15.05
C TYR B 303 -2.33 -25.72 14.13
N SER B 304 -1.51 -24.71 13.84
CA SER B 304 -1.93 -23.63 12.95
C SER B 304 -1.84 -24.04 11.50
N GLU B 305 -2.46 -23.27 10.62
CA GLU B 305 -2.42 -23.53 9.19
C GLU B 305 -1.00 -23.33 8.67
N GLU B 306 -0.27 -22.43 9.32
CA GLU B 306 1.08 -22.06 8.92
C GLU B 306 2.03 -23.28 8.89
N ASN B 307 1.74 -24.27 9.72
CA ASN B 307 2.58 -25.47 9.79
C ASN B 307 2.06 -26.59 8.90
N SER C 2 31.19 1.67 -44.88
CA SER C 2 29.89 2.05 -44.33
C SER C 2 29.41 1.10 -43.24
N PHE C 3 29.35 -0.19 -43.55
CA PHE C 3 28.97 -1.20 -42.55
C PHE C 3 29.93 -1.14 -41.37
N SER C 4 29.38 -1.03 -40.16
CA SER C 4 30.21 -0.88 -38.97
C SER C 4 29.56 -1.55 -37.76
N ALA C 5 30.14 -1.30 -36.58
CA ALA C 5 29.62 -1.89 -35.36
C ALA C 5 28.23 -1.35 -35.06
N ALA C 6 28.00 -0.11 -35.48
CA ALA C 6 26.71 0.53 -35.27
C ALA C 6 25.58 -0.23 -35.94
N ASP C 7 25.95 -1.11 -36.87
CA ASP C 7 24.95 -1.91 -37.59
C ASP C 7 24.64 -3.21 -36.86
N VAL C 8 25.57 -3.67 -36.03
CA VAL C 8 25.44 -4.96 -35.36
C VAL C 8 24.99 -4.86 -33.91
N TYR C 9 25.58 -3.93 -33.16
CA TYR C 9 25.32 -3.84 -31.72
C TYR C 9 24.16 -2.91 -31.36
N VAL C 10 23.53 -2.30 -32.36
CA VAL C 10 22.35 -1.46 -32.13
C VAL C 10 21.08 -2.25 -32.43
N PRO C 11 20.19 -2.34 -31.44
CA PRO C 11 18.93 -3.11 -31.52
C PRO C 11 17.88 -2.59 -32.49
N ASP C 12 18.27 -1.79 -33.48
CA ASP C 12 17.39 -1.38 -34.59
C ASP C 12 16.01 -0.77 -34.26
N GLU C 13 15.33 -1.32 -33.26
CA GLU C 13 14.09 -0.72 -32.79
C GLU C 13 14.39 0.67 -32.26
N TRP C 14 15.54 0.80 -31.62
CA TRP C 14 15.96 2.06 -31.01
C TRP C 14 16.47 3.04 -32.07
N GLU C 15 16.34 2.64 -33.33
CA GLU C 15 16.85 3.44 -34.44
C GLU C 15 16.04 4.72 -34.66
N VAL C 16 16.73 5.79 -35.02
CA VAL C 16 16.07 7.04 -35.42
C VAL C 16 16.83 7.69 -36.59
N ALA C 17 16.09 8.24 -37.55
CA ALA C 17 16.69 8.77 -38.77
C ALA C 17 17.29 10.17 -38.58
N ARG C 18 18.46 10.39 -39.17
CA ARG C 18 19.16 11.68 -39.05
C ARG C 18 18.26 12.84 -39.47
N GLU C 19 17.30 12.56 -40.34
CA GLU C 19 16.38 13.56 -40.83
C GLU C 19 15.51 14.12 -39.69
N LYS C 20 15.16 13.26 -38.73
CA LYS C 20 14.38 13.68 -37.58
C LYS C 20 15.22 14.51 -36.62
N ILE C 21 16.52 14.56 -36.86
CA ILE C 21 17.47 15.18 -35.93
C ILE C 21 18.08 16.47 -36.49
N THR C 22 18.26 17.46 -35.62
CA THR C 22 18.89 18.71 -36.03
C THR C 22 19.72 19.32 -34.90
N MET C 23 21.03 19.17 -34.99
CA MET C 23 21.95 19.61 -33.94
C MET C 23 22.10 21.12 -33.83
N SER C 24 22.77 21.56 -32.77
CA SER C 24 22.99 22.99 -32.53
C SER C 24 24.33 23.22 -31.85
N ARG C 25 24.29 23.90 -30.71
CA ARG C 25 25.49 24.24 -29.95
C ARG C 25 26.10 23.02 -29.28
N GLU C 26 27.41 23.08 -29.03
CA GLU C 26 28.08 21.99 -28.33
C GLU C 26 27.87 22.13 -26.83
N LEU C 27 27.42 21.05 -26.20
CA LEU C 27 27.14 21.04 -24.77
C LEU C 27 28.41 20.71 -23.96
N GLY C 28 29.31 19.95 -24.56
CA GLY C 28 30.55 19.60 -23.89
C GLY C 28 31.09 18.23 -24.26
N GLN C 29 32.36 18.00 -23.95
CA GLN C 29 33.04 16.76 -24.29
C GLN C 29 32.56 15.59 -23.42
N GLY C 30 32.25 14.47 -24.07
CA GLY C 30 31.85 13.26 -23.36
C GLY C 30 33.01 12.28 -23.31
N SER C 31 32.75 11.08 -22.81
CA SER C 31 33.81 10.07 -22.70
C SER C 31 34.17 9.49 -24.07
N PHE C 32 33.24 9.55 -25.02
CA PHE C 32 33.47 8.98 -26.34
C PHE C 32 33.54 10.03 -27.45
N GLY C 33 33.07 11.24 -27.16
CA GLY C 33 33.07 12.30 -28.14
C GLY C 33 32.32 13.53 -27.68
N MET C 34 32.24 14.54 -28.54
CA MET C 34 31.59 15.80 -28.19
C MET C 34 30.08 15.61 -28.08
N VAL C 35 29.47 16.28 -27.10
CA VAL C 35 28.03 16.22 -26.92
C VAL C 35 27.39 17.51 -27.37
N TYR C 36 26.29 17.41 -28.11
CA TYR C 36 25.61 18.58 -28.63
C TYR C 36 24.18 18.69 -28.12
N GLU C 37 23.58 19.85 -28.32
CA GLU C 37 22.15 20.01 -28.13
C GLU C 37 21.50 19.87 -29.50
N GLY C 38 20.19 19.63 -29.52
CA GLY C 38 19.49 19.51 -30.78
C GLY C 38 18.00 19.32 -30.62
N VAL C 39 17.35 18.96 -31.73
CA VAL C 39 15.92 18.70 -31.73
C VAL C 39 15.65 17.36 -32.40
N ALA C 40 14.70 16.60 -31.86
CA ALA C 40 14.35 15.30 -32.41
C ALA C 40 12.84 15.16 -32.56
N LYS C 41 12.41 14.40 -33.57
CA LYS C 41 10.99 14.22 -33.84
C LYS C 41 10.53 12.79 -33.62
N GLY C 42 9.38 12.62 -32.98
CA GLY C 42 8.74 11.32 -32.83
C GLY C 42 9.35 10.46 -31.75
N VAL C 43 10.40 10.97 -31.11
CA VAL C 43 11.10 10.20 -30.08
C VAL C 43 10.32 10.12 -28.77
N VAL C 44 9.30 10.97 -28.63
CA VAL C 44 8.46 10.95 -27.43
C VAL C 44 6.98 10.93 -27.79
N LYS C 45 6.25 10.02 -27.16
CA LYS C 45 4.80 9.88 -27.37
C LYS C 45 4.06 11.19 -27.13
N ASP C 46 3.26 11.60 -28.12
CA ASP C 46 2.44 12.80 -28.06
C ASP C 46 3.18 14.08 -28.45
N GLU C 47 4.45 14.17 -28.06
CA GLU C 47 5.23 15.37 -28.33
C GLU C 47 5.81 15.37 -29.74
N PRO C 48 5.37 16.32 -30.57
CA PRO C 48 5.82 16.45 -31.97
C PRO C 48 7.34 16.47 -32.05
N GLU C 49 7.94 17.62 -31.78
CA GLU C 49 9.39 17.71 -31.65
C GLU C 49 9.77 17.53 -30.19
N THR C 50 11.05 17.29 -29.93
CA THR C 50 11.53 17.06 -28.57
C THR C 50 12.96 17.56 -28.42
N ARG C 51 13.23 18.26 -27.32
CA ARG C 51 14.58 18.76 -27.04
C ARG C 51 15.46 17.64 -26.52
N VAL C 52 16.66 17.52 -27.08
CA VAL C 52 17.53 16.40 -26.75
C VAL C 52 19.00 16.77 -26.62
N ALA C 53 19.76 15.86 -26.02
CA ALA C 53 21.21 15.94 -25.99
C ALA C 53 21.74 14.86 -26.93
N ILE C 54 22.75 15.20 -27.71
CA ILE C 54 23.27 14.27 -28.72
C ILE C 54 24.69 13.81 -28.40
N LYS C 55 24.86 12.52 -28.16
CA LYS C 55 26.19 11.97 -27.97
C LYS C 55 26.73 11.43 -29.29
N THR C 56 27.90 11.93 -29.70
CA THR C 56 28.51 11.52 -30.95
C THR C 56 29.77 10.70 -30.69
N VAL C 57 30.18 9.93 -31.69
CA VAL C 57 31.46 9.23 -31.64
C VAL C 57 32.41 9.79 -32.68
N ASN C 58 33.63 10.12 -32.24
CA ASN C 58 34.54 10.99 -32.97
C ASN C 58 34.81 10.72 -34.46
N GLU C 59 34.29 9.63 -34.99
CA GLU C 59 34.43 9.31 -36.41
C GLU C 59 35.79 8.71 -36.76
N ALA C 60 36.84 9.16 -36.07
CA ALA C 60 38.14 8.53 -36.19
C ALA C 60 38.27 7.47 -35.09
N ALA C 61 37.19 7.32 -34.32
CA ALA C 61 37.18 6.37 -33.21
C ALA C 61 37.31 4.93 -33.66
N SER C 62 38.06 4.13 -32.90
CA SER C 62 38.29 2.73 -33.24
C SER C 62 37.05 1.88 -33.02
N MET C 63 37.02 0.72 -33.64
CA MET C 63 35.92 -0.23 -33.48
C MET C 63 35.72 -0.57 -32.00
N ARG C 64 36.82 -0.81 -31.31
CA ARG C 64 36.77 -1.15 -29.90
C ARG C 64 35.96 -0.12 -29.10
N GLU C 65 36.20 1.15 -29.37
CA GLU C 65 35.55 2.22 -28.64
C GLU C 65 34.11 2.45 -29.07
N ARG C 66 33.81 2.19 -30.34
CA ARG C 66 32.43 2.28 -30.82
C ARG C 66 31.57 1.21 -30.15
N ILE C 67 32.13 0.01 -30.06
CA ILE C 67 31.45 -1.09 -29.39
C ILE C 67 31.15 -0.69 -27.94
N GLU C 68 32.14 -0.13 -27.26
CA GLU C 68 31.97 0.33 -25.89
C GLU C 68 30.85 1.37 -25.81
N PHE C 69 30.88 2.31 -26.73
CA PHE C 69 29.86 3.35 -26.83
C PHE C 69 28.47 2.75 -26.98
N LEU C 70 28.34 1.78 -27.89
CA LEU C 70 27.06 1.18 -28.19
C LEU C 70 26.55 0.26 -27.08
N ASN C 71 27.47 -0.46 -26.44
CA ASN C 71 27.09 -1.33 -25.33
C ASN C 71 26.62 -0.50 -24.14
N GLU C 72 27.26 0.65 -23.94
CA GLU C 72 26.86 1.56 -22.89
C GLU C 72 25.45 2.08 -23.14
N ALA C 73 25.13 2.28 -24.42
CA ALA C 73 23.79 2.70 -24.80
C ALA C 73 22.79 1.60 -24.50
N SER C 74 23.18 0.35 -24.76
CA SER C 74 22.31 -0.79 -24.51
C SER C 74 22.04 -1.02 -23.02
N VAL C 75 22.98 -0.59 -22.19
CA VAL C 75 22.81 -0.70 -20.74
C VAL C 75 21.74 0.27 -20.25
N MET C 76 21.74 1.49 -20.79
CA MET C 76 20.79 2.52 -20.40
C MET C 76 19.39 2.27 -20.93
N LYS C 77 19.29 1.53 -22.03
CA LYS C 77 18.00 1.19 -22.63
C LYS C 77 17.05 0.64 -21.58
N GLU C 78 17.60 -0.11 -20.62
CA GLU C 78 16.80 -0.83 -19.66
C GLU C 78 16.18 0.05 -18.58
N PHE C 79 16.61 1.31 -18.50
CA PHE C 79 16.17 2.17 -17.42
C PHE C 79 15.03 3.11 -17.77
N ASN C 80 13.84 2.80 -17.27
CA ASN C 80 12.68 3.67 -17.42
C ASN C 80 12.24 4.21 -16.07
N CYS C 81 12.86 5.30 -15.64
CA CYS C 81 12.55 5.91 -14.35
C CYS C 81 12.62 7.42 -14.46
N HIS C 82 11.72 8.12 -13.79
CA HIS C 82 11.65 9.57 -13.91
C HIS C 82 12.90 10.24 -13.35
N HIS C 83 13.67 9.53 -12.54
CA HIS C 83 14.85 10.11 -11.94
C HIS C 83 16.15 9.56 -12.50
N VAL C 84 16.06 9.09 -13.75
CA VAL C 84 17.22 8.63 -14.49
C VAL C 84 17.19 9.24 -15.87
N VAL C 85 18.26 9.93 -16.26
CA VAL C 85 18.33 10.52 -17.59
C VAL C 85 18.11 9.43 -18.64
N ARG C 86 17.12 9.65 -19.50
CA ARG C 86 16.62 8.61 -20.39
C ARG C 86 17.32 8.59 -21.75
N LEU C 87 17.48 7.40 -22.33
CA LEU C 87 17.97 7.27 -23.69
C LEU C 87 16.77 7.18 -24.63
N LEU C 88 16.76 8.03 -25.65
CA LEU C 88 15.59 8.20 -26.51
C LEU C 88 15.67 7.39 -27.79
N GLY C 89 16.88 7.29 -28.36
CA GLY C 89 17.09 6.55 -29.58
C GLY C 89 18.54 6.58 -29.99
N VAL C 90 18.84 6.01 -31.14
CA VAL C 90 20.20 6.00 -31.65
C VAL C 90 20.22 6.06 -33.17
N VAL C 91 21.02 7.00 -33.71
CA VAL C 91 21.23 7.08 -35.14
C VAL C 91 22.41 6.20 -35.53
N SER C 92 22.12 5.00 -36.04
CA SER C 92 23.17 4.04 -36.35
C SER C 92 23.77 4.23 -37.74
N GLN C 93 22.93 4.61 -38.70
CA GLN C 93 23.38 4.86 -40.07
C GLN C 93 23.85 6.30 -40.22
N GLY C 94 25.10 6.48 -40.64
CA GLY C 94 25.64 7.82 -40.81
C GLY C 94 27.07 7.98 -40.31
N GLN C 95 27.77 8.97 -40.85
CA GLN C 95 29.19 9.16 -40.59
C GLN C 95 29.56 9.24 -39.11
N PRO C 96 28.94 10.18 -38.37
CA PRO C 96 29.10 10.18 -36.92
C PRO C 96 27.93 9.43 -36.30
N THR C 97 28.21 8.40 -35.50
CA THR C 97 27.15 7.67 -34.83
C THR C 97 26.54 8.53 -33.74
N LEU C 98 25.21 8.57 -33.69
CA LEU C 98 24.53 9.39 -32.70
C LEU C 98 23.76 8.57 -31.67
N VAL C 99 23.71 9.08 -30.45
CA VAL C 99 22.88 8.49 -29.41
C VAL C 99 22.09 9.64 -28.79
N ILE C 100 20.76 9.54 -28.86
CA ILE C 100 19.90 10.63 -28.43
C ILE C 100 19.45 10.48 -26.98
N MET C 101 19.77 11.48 -26.17
CA MET C 101 19.50 11.44 -24.74
C MET C 101 18.51 12.52 -24.33
N GLU C 102 17.88 12.33 -23.17
CA GLU C 102 17.03 13.34 -22.57
C GLU C 102 17.88 14.56 -22.25
N LEU C 103 17.37 15.75 -22.56
CA LEU C 103 18.15 16.96 -22.34
C LEU C 103 17.94 17.53 -20.94
N MET C 104 19.06 17.76 -20.23
CA MET C 104 19.03 18.37 -18.91
C MET C 104 19.71 19.73 -19.02
N THR C 105 18.90 20.78 -19.02
CA THR C 105 19.36 22.11 -19.42
C THR C 105 20.31 22.79 -18.45
N ARG C 106 20.37 22.32 -17.21
CA ARG C 106 21.23 22.93 -16.22
C ARG C 106 22.50 22.12 -15.95
N GLY C 107 22.73 21.13 -16.80
CA GLY C 107 23.98 20.38 -16.80
C GLY C 107 24.17 19.46 -15.62
N ASP C 108 25.43 19.09 -15.38
CA ASP C 108 25.76 18.19 -14.28
C ASP C 108 25.59 18.89 -12.93
N LEU C 109 25.23 18.10 -11.92
CA LEU C 109 24.96 18.62 -10.58
C LEU C 109 26.18 19.33 -9.99
N LYS C 110 27.37 18.80 -10.22
CA LYS C 110 28.57 19.42 -9.69
C LYS C 110 28.73 20.85 -10.20
N SER C 111 28.74 21.02 -11.52
CA SER C 111 28.86 22.34 -12.11
C SER C 111 27.75 23.27 -11.65
N TYR C 112 26.52 22.78 -11.66
CA TYR C 112 25.38 23.56 -11.22
C TYR C 112 25.53 24.03 -9.77
N LEU C 113 26.07 23.16 -8.93
CA LEU C 113 26.24 23.46 -7.51
C LEU C 113 27.28 24.55 -7.28
N ARG C 114 28.35 24.55 -8.06
CA ARG C 114 29.40 25.55 -7.90
C ARG C 114 28.91 26.91 -8.39
N SER C 115 27.95 26.88 -9.32
CA SER C 115 27.43 28.11 -9.91
C SER C 115 26.54 28.87 -8.92
N LEU C 116 26.10 28.15 -7.89
CA LEU C 116 25.22 28.75 -6.88
C LEU C 116 26.01 29.60 -5.89
N ARG C 117 27.33 29.46 -5.91
CA ARG C 117 28.19 30.26 -5.05
C ARG C 117 28.27 31.70 -5.52
N PRO C 118 28.71 32.59 -4.61
CA PRO C 118 29.13 33.95 -4.96
C PRO C 118 30.65 34.02 -5.11
N LEU C 126 19.41 31.57 -9.64
CA LEU C 126 20.57 30.79 -9.20
C LEU C 126 21.09 31.24 -7.84
N ALA C 127 20.56 30.63 -6.78
CA ALA C 127 20.98 30.94 -5.42
C ALA C 127 21.22 29.66 -4.62
N PRO C 128 22.13 29.73 -3.63
CA PRO C 128 22.40 28.57 -2.76
C PRO C 128 21.11 27.92 -2.31
N PRO C 129 21.06 26.58 -2.33
CA PRO C 129 19.84 25.82 -2.02
C PRO C 129 19.38 26.03 -0.59
N SER C 130 18.06 26.06 -0.38
CA SER C 130 17.50 26.03 0.97
C SER C 130 17.47 24.57 1.42
N LEU C 131 17.14 24.34 2.69
CA LEU C 131 17.13 22.98 3.21
C LEU C 131 16.15 22.07 2.45
N SER C 132 14.97 22.58 2.16
CA SER C 132 13.96 21.77 1.48
C SER C 132 14.29 21.54 0.00
N LYS C 133 15.22 22.33 -0.53
CA LYS C 133 15.71 22.11 -1.89
C LYS C 133 16.84 21.10 -1.89
N MET C 134 17.59 21.08 -0.79
CA MET C 134 18.61 20.05 -0.61
C MET C 134 17.94 18.70 -0.33
N ILE C 135 16.80 18.73 0.33
CA ILE C 135 16.05 17.50 0.60
C ILE C 135 15.43 16.96 -0.68
N GLN C 136 14.89 17.87 -1.50
CA GLN C 136 14.29 17.49 -2.77
C GLN C 136 15.32 16.82 -3.68
N MET C 137 16.51 17.42 -3.76
CA MET C 137 17.60 16.85 -4.54
C MET C 137 17.99 15.47 -4.03
N ALA C 138 18.06 15.33 -2.71
CA ALA C 138 18.50 14.09 -2.08
C ALA C 138 17.49 12.96 -2.30
N GLY C 139 16.21 13.29 -2.19
CA GLY C 139 15.16 12.30 -2.41
C GLY C 139 15.16 11.81 -3.85
N GLU C 140 15.31 12.75 -4.78
CA GLU C 140 15.29 12.43 -6.21
C GLU C 140 16.44 11.51 -6.61
N ILE C 141 17.63 11.77 -6.09
CA ILE C 141 18.79 10.94 -6.38
C ILE C 141 18.64 9.56 -5.74
N ALA C 142 18.12 9.53 -4.51
CA ALA C 142 17.87 8.28 -3.83
C ALA C 142 16.81 7.47 -4.58
N ASP C 143 15.78 8.14 -5.07
CA ASP C 143 14.71 7.46 -5.81
C ASP C 143 15.27 6.75 -7.04
N GLY C 144 16.17 7.42 -7.75
CA GLY C 144 16.81 6.83 -8.92
C GLY C 144 17.65 5.62 -8.55
N MET C 145 18.42 5.74 -7.48
CA MET C 145 19.25 4.64 -7.00
C MET C 145 18.41 3.45 -6.55
N ALA C 146 17.36 3.73 -5.77
CA ALA C 146 16.45 2.69 -5.31
C ALA C 146 15.93 1.91 -6.51
N TYR C 147 15.65 2.63 -7.59
CA TYR C 147 15.21 2.01 -8.83
C TYR C 147 16.29 1.10 -9.41
N LEU C 148 17.52 1.61 -9.45
CA LEU C 148 18.64 0.84 -9.98
C LEU C 148 18.92 -0.41 -9.16
N ASN C 149 18.97 -0.25 -7.84
CA ASN C 149 19.24 -1.37 -6.96
C ASN C 149 18.10 -2.39 -7.00
N ALA C 150 16.87 -1.89 -7.18
CA ALA C 150 15.71 -2.76 -7.29
C ALA C 150 15.75 -3.58 -8.58
N ASN C 151 16.38 -3.02 -9.61
CA ASN C 151 16.60 -3.75 -10.85
C ASN C 151 17.92 -4.51 -10.80
N LYS C 152 18.41 -4.72 -9.60
CA LYS C 152 19.60 -5.51 -9.34
C LYS C 152 20.83 -4.99 -10.07
N PHE C 153 21.00 -3.68 -10.05
CA PHE C 153 22.18 -3.04 -10.63
C PHE C 153 22.94 -2.30 -9.53
N VAL C 154 24.26 -2.30 -9.62
CA VAL C 154 25.07 -1.45 -8.76
C VAL C 154 25.69 -0.37 -9.63
N HIS C 155 25.58 0.89 -9.20
CA HIS C 155 26.06 2.00 -10.01
C HIS C 155 27.57 2.15 -9.94
N ARG C 156 28.12 2.05 -8.73
CA ARG C 156 29.56 2.08 -8.49
C ARG C 156 30.21 3.45 -8.73
N ASP C 157 29.43 4.41 -9.21
CA ASP C 157 30.02 5.70 -9.58
C ASP C 157 29.13 6.89 -9.22
N LEU C 158 28.38 6.75 -8.13
CA LEU C 158 27.51 7.83 -7.66
C LEU C 158 28.35 9.01 -7.18
N ALA C 159 28.15 10.16 -7.82
CA ALA C 159 28.83 11.40 -7.47
C ALA C 159 28.12 12.55 -8.17
N ALA C 160 28.33 13.77 -7.69
CA ALA C 160 27.57 14.92 -8.20
C ALA C 160 27.80 15.19 -9.68
N ARG C 161 29.01 14.92 -10.16
CA ARG C 161 29.33 15.14 -11.58
C ARG C 161 28.57 14.17 -12.48
N ASN C 162 28.08 13.09 -11.91
CA ASN C 162 27.33 12.08 -12.66
C ASN C 162 25.82 12.22 -12.52
N CYS C 163 25.39 13.30 -11.86
CA CYS C 163 23.96 13.60 -11.74
C CYS C 163 23.63 14.81 -12.60
N MET C 164 22.36 14.92 -13.00
CA MET C 164 21.95 15.98 -13.92
C MET C 164 20.78 16.79 -13.39
N VAL C 165 20.77 18.08 -13.72
CA VAL C 165 19.69 18.98 -13.31
C VAL C 165 18.84 19.43 -14.49
N ALA C 166 17.54 19.15 -14.44
CA ALA C 166 16.62 19.51 -15.51
C ALA C 166 16.20 20.98 -15.45
N GLU C 167 15.41 21.41 -16.42
CA GLU C 167 14.95 22.78 -16.48
C GLU C 167 14.20 23.19 -15.21
N ASP C 168 13.36 22.28 -14.71
CA ASP C 168 12.58 22.54 -13.50
C ASP C 168 13.36 22.23 -12.23
N PHE C 169 14.66 22.03 -12.37
CA PHE C 169 15.56 21.78 -11.24
C PHE C 169 15.51 20.34 -10.69
N THR C 170 14.71 19.50 -11.32
CA THR C 170 14.70 18.07 -10.97
C THR C 170 16.09 17.47 -11.13
N VAL C 171 16.54 16.72 -10.13
CA VAL C 171 17.82 16.02 -10.22
C VAL C 171 17.60 14.57 -10.65
N LYS C 172 18.37 14.12 -11.64
CA LYS C 172 18.29 12.75 -12.12
C LYS C 172 19.67 12.13 -12.16
N ILE C 173 19.75 10.81 -12.04
CA ILE C 173 21.02 10.10 -12.14
C ILE C 173 21.35 9.90 -13.63
N GLY C 174 22.59 10.14 -14.01
CA GLY C 174 22.89 10.27 -15.44
C GLY C 174 24.25 9.92 -16.01
N ASP C 175 24.91 8.91 -15.46
CA ASP C 175 26.10 8.34 -16.12
C ASP C 175 26.36 6.91 -15.64
N PHE C 176 26.17 5.94 -16.53
CA PHE C 176 26.13 4.54 -16.16
C PHE C 176 27.24 3.72 -16.80
N GLY C 177 28.29 4.38 -17.21
CA GLY C 177 29.42 3.74 -17.84
C GLY C 177 30.17 2.81 -16.91
N MET C 178 29.77 2.74 -15.66
CA MET C 178 30.50 1.94 -14.69
C MET C 178 29.60 0.96 -13.95
N THR C 179 28.33 0.93 -14.33
CA THR C 179 27.32 0.10 -13.68
C THR C 179 27.51 -1.39 -13.95
N ARG C 180 27.22 -2.22 -12.96
CA ARG C 180 27.36 -3.66 -13.08
C ARG C 180 26.06 -4.39 -12.75
N ASP C 181 25.74 -5.41 -13.55
CA ASP C 181 24.60 -6.26 -13.28
C ASP C 181 24.87 -7.09 -12.03
N ILE C 182 23.85 -7.30 -11.21
CA ILE C 182 24.04 -7.86 -9.87
C ILE C 182 23.00 -8.94 -9.55
N PTR C 183 22.18 -9.27 -10.54
CA PTR C 183 21.06 -10.21 -10.38
C PTR C 183 21.39 -11.45 -9.54
O PTR C 183 20.77 -11.69 -8.50
CB PTR C 183 20.53 -10.69 -11.72
CG PTR C 183 19.44 -11.73 -11.62
CD1 PTR C 183 18.24 -11.46 -10.99
CD2 PTR C 183 19.62 -13.00 -12.15
CE1 PTR C 183 17.24 -12.41 -10.89
CE2 PTR C 183 18.63 -13.97 -12.05
CZ PTR C 183 17.45 -13.67 -11.43
OH PTR C 183 16.55 -14.52 -11.36
P PTR C 183 16.63 -15.82 -10.41
O1P PTR C 183 17.75 -16.69 -10.86
O2P PTR C 183 15.32 -16.62 -10.53
O3P PTR C 183 16.85 -15.40 -8.94
N GLU C 184 22.35 -12.26 -10.00
CA GLU C 184 22.67 -13.49 -9.30
C GLU C 184 24.04 -13.41 -8.64
N THR C 185 24.07 -12.92 -7.40
CA THR C 185 25.30 -12.77 -6.61
C THR C 185 25.14 -11.64 -5.59
N ASP C 186 24.55 -10.53 -6.03
CA ASP C 186 24.27 -9.38 -5.16
C ASP C 186 25.49 -8.51 -4.85
N PTR C 187 26.62 -8.83 -5.45
CA PTR C 187 27.81 -7.98 -5.35
C PTR C 187 28.62 -8.05 -6.64
O PTR C 187 28.49 -8.98 -7.43
CB PTR C 187 28.73 -8.37 -4.18
CG PTR C 187 29.44 -9.68 -4.37
CD1 PTR C 187 30.76 -9.73 -4.80
CD2 PTR C 187 28.79 -10.89 -4.11
CE1 PTR C 187 31.41 -10.94 -4.97
CE2 PTR C 187 29.43 -12.09 -4.28
CZ PTR C 187 30.74 -12.12 -4.71
OH PTR C 187 31.29 -13.22 -4.86
P PTR C 187 32.73 -13.62 -4.25
O1P PTR C 187 32.87 -15.08 -4.38
O2P PTR C 187 32.80 -13.24 -2.76
O3P PTR C 187 33.86 -12.92 -5.03
N PTR C 188 29.47 -7.04 -6.85
CA PTR C 188 30.43 -7.07 -7.94
C PTR C 188 31.82 -6.90 -7.33
O PTR C 188 32.07 -5.98 -6.56
CB PTR C 188 30.20 -5.97 -8.98
CG PTR C 188 31.36 -5.78 -9.93
CD1 PTR C 188 31.59 -6.68 -10.97
CD2 PTR C 188 32.23 -4.72 -9.79
CE1 PTR C 188 32.66 -6.51 -11.84
CE2 PTR C 188 33.30 -4.54 -10.66
CZ PTR C 188 33.51 -5.44 -11.68
OH PTR C 188 34.48 -5.27 -12.43
P PTR C 188 34.74 -6.07 -13.80
O1P PTR C 188 35.10 -7.47 -13.46
O2P PTR C 188 35.91 -5.41 -14.54
O3P PTR C 188 33.49 -6.03 -14.70
N ARG C 189 32.72 -7.82 -7.67
CA ARG C 189 34.09 -7.74 -7.19
C ARG C 189 35.04 -7.47 -8.36
N LYS C 190 35.75 -6.35 -8.30
CA LYS C 190 36.65 -5.98 -9.39
C LYS C 190 37.95 -6.78 -9.39
N GLY C 191 38.25 -7.40 -10.52
CA GLY C 191 39.43 -8.23 -10.65
C GLY C 191 40.74 -7.47 -10.60
N GLY C 192 40.90 -6.51 -11.50
CA GLY C 192 42.15 -5.79 -11.60
C GLY C 192 42.03 -4.29 -11.47
N LYS C 193 42.75 -3.57 -12.34
CA LYS C 193 42.81 -2.12 -12.30
C LYS C 193 41.46 -1.47 -12.62
N GLY C 194 40.91 -0.76 -11.65
CA GLY C 194 39.75 0.08 -11.86
C GLY C 194 40.18 1.52 -11.68
N LEU C 195 39.34 2.46 -12.10
CA LEU C 195 39.73 3.87 -11.97
C LEU C 195 38.61 4.82 -11.54
N LEU C 196 37.76 4.36 -10.64
CA LEU C 196 36.82 5.22 -9.94
C LEU C 196 37.62 6.08 -8.97
N PRO C 197 37.22 7.35 -8.82
CA PRO C 197 37.88 8.26 -7.88
C PRO C 197 37.82 7.74 -6.43
N VAL C 198 38.93 7.78 -5.72
CA VAL C 198 39.00 7.22 -4.36
C VAL C 198 38.08 7.93 -3.38
N ARG C 199 37.92 9.23 -3.54
CA ARG C 199 37.21 10.05 -2.57
C ARG C 199 35.70 9.79 -2.53
N TRP C 200 35.23 8.88 -3.36
CA TRP C 200 33.80 8.54 -3.37
C TRP C 200 33.56 7.06 -3.08
N MET C 201 34.63 6.30 -2.86
CA MET C 201 34.55 4.85 -2.65
C MET C 201 34.40 4.43 -1.19
N SER C 202 33.63 3.39 -0.95
CA SER C 202 33.43 2.85 0.40
C SER C 202 34.70 2.16 0.91
N PRO C 203 34.81 2.01 2.23
CA PRO C 203 35.95 1.32 2.87
C PRO C 203 36.13 -0.10 2.36
N GLU C 204 35.03 -0.83 2.17
CA GLU C 204 35.10 -2.20 1.70
C GLU C 204 35.54 -2.28 0.23
N SER C 205 35.07 -1.34 -0.58
CA SER C 205 35.49 -1.26 -1.97
C SER C 205 37.00 -1.03 -2.03
N LEU C 206 37.49 -0.18 -1.14
CA LEU C 206 38.91 0.15 -1.10
C LEU C 206 39.75 -1.04 -0.65
N LYS C 207 39.22 -1.86 0.24
CA LYS C 207 39.91 -3.06 0.72
C LYS C 207 39.89 -4.18 -0.31
N ASP C 208 38.70 -4.63 -0.66
CA ASP C 208 38.51 -5.86 -1.43
C ASP C 208 38.09 -5.63 -2.88
N GLY C 209 37.82 -4.39 -3.25
CA GLY C 209 37.33 -4.09 -4.58
C GLY C 209 35.92 -4.60 -4.76
N VAL C 210 35.16 -4.63 -3.67
CA VAL C 210 33.80 -5.14 -3.68
C VAL C 210 32.76 -4.03 -3.68
N PHE C 211 31.69 -4.23 -4.46
CA PHE C 211 30.65 -3.21 -4.62
C PHE C 211 29.26 -3.80 -4.43
N THR C 212 28.43 -3.10 -3.67
CA THR C 212 27.06 -3.52 -3.40
C THR C 212 26.18 -2.30 -3.34
N THR C 213 24.89 -2.48 -3.06
CA THR C 213 24.02 -1.34 -2.87
C THR C 213 24.49 -0.57 -1.64
N TYR C 214 25.10 -1.29 -0.70
CA TYR C 214 25.63 -0.68 0.51
C TYR C 214 26.69 0.36 0.17
N SER C 215 27.54 0.07 -0.81
CA SER C 215 28.57 1.03 -1.21
C SER C 215 28.03 2.15 -2.10
N ASP C 216 26.92 1.89 -2.80
CA ASP C 216 26.23 2.94 -3.53
C ASP C 216 25.70 3.96 -2.52
N VAL C 217 25.32 3.48 -1.35
CA VAL C 217 24.82 4.34 -0.29
C VAL C 217 25.94 5.19 0.31
N TRP C 218 27.11 4.58 0.52
CA TRP C 218 28.26 5.33 1.01
C TRP C 218 28.53 6.53 0.10
N SER C 219 28.50 6.30 -1.22
CA SER C 219 28.76 7.37 -2.18
C SER C 219 27.65 8.41 -2.14
N PHE C 220 26.43 7.94 -1.92
CA PHE C 220 25.30 8.84 -1.77
C PHE C 220 25.59 9.81 -0.62
N GLY C 221 26.16 9.26 0.45
CA GLY C 221 26.57 10.06 1.60
C GLY C 221 27.54 11.15 1.19
N VAL C 222 28.40 10.86 0.24
CA VAL C 222 29.38 11.83 -0.21
C VAL C 222 28.76 12.93 -1.08
N VAL C 223 27.76 12.59 -1.90
CA VAL C 223 27.11 13.62 -2.71
C VAL C 223 26.24 14.54 -1.85
N LEU C 224 25.68 14.01 -0.76
CA LEU C 224 25.01 14.85 0.21
C LEU C 224 26.00 15.92 0.66
N TRP C 225 27.19 15.46 1.04
CA TRP C 225 28.26 16.34 1.47
C TRP C 225 28.58 17.36 0.39
N GLU C 226 28.64 16.90 -0.86
CA GLU C 226 28.89 17.79 -2.00
C GLU C 226 27.81 18.86 -2.09
N ILE C 227 26.58 18.47 -1.81
CA ILE C 227 25.46 19.39 -1.88
C ILE C 227 25.55 20.47 -0.81
N ALA C 228 25.95 20.06 0.40
CA ALA C 228 26.08 20.98 1.52
C ALA C 228 27.32 21.87 1.40
N THR C 229 28.27 21.47 0.55
CA THR C 229 29.48 22.25 0.35
C THR C 229 29.49 22.99 -0.98
N LEU C 230 28.37 22.93 -1.70
CA LEU C 230 28.30 23.47 -3.05
C LEU C 230 29.49 22.98 -3.88
N ALA C 231 29.71 21.67 -3.84
CA ALA C 231 30.70 21.00 -4.67
C ALA C 231 32.14 21.35 -4.32
N GLU C 232 32.54 21.10 -3.08
CA GLU C 232 33.95 21.16 -2.72
C GLU C 232 34.56 19.78 -2.91
N GLN C 233 35.88 19.71 -3.00
CA GLN C 233 36.56 18.43 -3.07
C GLN C 233 36.53 17.77 -1.71
N PRO C 234 36.01 16.54 -1.65
CA PRO C 234 36.07 15.77 -0.39
C PRO C 234 37.49 15.49 0.07
N TYR C 235 37.70 15.47 1.38
CA TYR C 235 39.00 15.22 1.99
C TYR C 235 40.09 16.13 1.43
N GLN C 236 39.77 17.40 1.25
CA GLN C 236 40.75 18.39 0.81
C GLN C 236 41.87 18.47 1.84
N GLY C 237 43.11 18.57 1.38
CA GLY C 237 44.24 18.61 2.30
C GLY C 237 44.86 17.24 2.48
N LEU C 238 44.17 16.21 1.99
CA LEU C 238 44.74 14.88 1.91
C LEU C 238 44.97 14.55 0.43
N SER C 239 46.03 13.80 0.15
CA SER C 239 46.24 13.29 -1.21
C SER C 239 45.47 11.99 -1.36
N ASN C 240 45.18 11.61 -2.60
CA ASN C 240 44.47 10.36 -2.86
C ASN C 240 45.02 9.21 -2.02
N GLU C 241 46.33 9.14 -1.92
CA GLU C 241 47.01 8.10 -1.16
C GLU C 241 46.62 8.16 0.32
N GLN C 242 46.56 9.37 0.87
CA GLN C 242 46.21 9.56 2.28
C GLN C 242 44.72 9.33 2.53
N VAL C 243 43.90 9.61 1.51
CA VAL C 243 42.47 9.36 1.60
C VAL C 243 42.18 7.87 1.75
N LEU C 244 42.90 7.07 0.96
CA LEU C 244 42.75 5.62 0.99
C LEU C 244 43.01 5.08 2.40
N ARG C 245 44.12 5.49 3.01
CA ARG C 245 44.46 5.05 4.35
C ARG C 245 43.45 5.56 5.36
N PHE C 246 43.08 6.82 5.21
CA PHE C 246 42.15 7.49 6.13
C PHE C 246 40.79 6.80 6.14
N VAL C 247 40.19 6.66 4.97
CA VAL C 247 38.84 6.09 4.85
C VAL C 247 38.79 4.59 5.12
N MET C 248 39.82 3.85 4.69
CA MET C 248 39.86 2.41 4.93
C MET C 248 39.88 2.08 6.40
N GLU C 249 40.49 2.94 7.20
CA GLU C 249 40.69 2.65 8.62
C GLU C 249 39.65 3.30 9.52
N GLY C 250 38.59 3.87 8.93
CA GLY C 250 37.47 4.37 9.70
C GLY C 250 37.22 5.87 9.59
N GLY C 251 38.17 6.60 9.03
CA GLY C 251 38.08 8.06 8.94
C GLY C 251 36.88 8.55 8.15
N LEU C 252 36.43 9.76 8.45
CA LEU C 252 35.21 10.31 7.85
C LEU C 252 35.33 11.79 7.50
N LEU C 253 34.45 12.23 6.59
CA LEU C 253 34.35 13.64 6.25
C LEU C 253 33.75 14.43 7.42
N ASP C 254 34.27 15.63 7.65
CA ASP C 254 33.74 16.51 8.70
C ASP C 254 32.43 17.15 8.26
N LYS C 255 31.60 17.51 9.24
CA LYS C 255 30.36 18.21 8.96
C LYS C 255 30.63 19.54 8.26
N PRO C 256 30.09 19.72 7.05
CA PRO C 256 30.29 20.99 6.36
C PRO C 256 29.89 22.17 7.25
N ASP C 257 30.66 23.24 7.21
CA ASP C 257 30.31 24.44 7.97
C ASP C 257 28.90 24.88 7.56
N ASN C 258 28.05 25.14 8.55
CA ASN C 258 26.69 25.59 8.32
C ASN C 258 25.78 24.52 7.71
N CYS C 259 26.23 23.26 7.74
CA CYS C 259 25.41 22.16 7.26
C CYS C 259 24.21 21.97 8.18
N PRO C 260 23.02 21.83 7.62
CA PRO C 260 21.83 21.50 8.41
C PRO C 260 22.06 20.20 9.18
N ASP C 261 21.74 20.19 10.47
CA ASP C 261 22.03 19.06 11.34
C ASP C 261 21.49 17.73 10.80
N MET C 262 20.37 17.80 10.10
CA MET C 262 19.70 16.58 9.64
C MET C 262 20.39 15.92 8.44
N LEU C 263 21.01 16.73 7.59
CA LEU C 263 21.75 16.19 6.45
C LEU C 263 23.00 15.46 6.91
N PHE C 264 23.68 16.03 7.89
CA PHE C 264 24.90 15.40 8.39
C PHE C 264 24.61 14.07 9.06
N GLU C 265 23.49 13.99 9.77
CA GLU C 265 23.12 12.74 10.44
C GLU C 265 22.81 11.64 9.43
N LEU C 266 22.27 12.03 8.27
CA LEU C 266 22.09 11.07 7.18
C LEU C 266 23.44 10.59 6.68
N MET C 267 24.35 11.53 6.46
CA MET C 267 25.69 11.20 6.00
C MET C 267 26.35 10.19 6.93
N ARG C 268 26.14 10.37 8.24
CA ARG C 268 26.75 9.49 9.22
C ARG C 268 26.20 8.07 9.14
N MET C 269 24.92 7.96 8.82
CA MET C 269 24.30 6.66 8.64
C MET C 269 24.82 5.99 7.37
N CYS C 270 25.02 6.80 6.33
CA CYS C 270 25.54 6.30 5.07
C CYS C 270 27.00 5.86 5.20
N TRP C 271 27.70 6.41 6.19
CA TRP C 271 29.12 6.12 6.35
C TRP C 271 29.41 5.16 7.50
N GLN C 272 28.41 4.41 7.93
CA GLN C 272 28.63 3.33 8.87
C GLN C 272 29.74 2.43 8.34
N TYR C 273 30.68 2.05 9.21
CA TYR C 273 31.80 1.24 8.76
C TYR C 273 31.34 -0.14 8.28
N ASN C 274 30.45 -0.76 9.05
CA ASN C 274 29.83 -2.03 8.65
C ASN C 274 28.76 -1.77 7.61
N PRO C 275 28.99 -2.21 6.37
CA PRO C 275 28.07 -1.95 5.25
C PRO C 275 26.63 -2.33 5.58
N LYS C 276 26.45 -3.38 6.37
CA LYS C 276 25.11 -3.87 6.68
C LYS C 276 24.35 -2.96 7.65
N MET C 277 25.06 -1.99 8.24
CA MET C 277 24.44 -1.07 9.18
C MET C 277 24.06 0.27 8.53
N ARG C 278 24.34 0.41 7.24
CA ARG C 278 23.88 1.57 6.48
C ARG C 278 22.40 1.41 6.17
N PRO C 279 21.71 2.53 5.90
CA PRO C 279 20.32 2.40 5.47
C PRO C 279 20.25 2.07 3.99
N SER C 280 19.12 1.57 3.51
CA SER C 280 18.91 1.39 2.09
C SER C 280 18.38 2.70 1.52
N PHE C 281 18.27 2.79 0.20
CA PHE C 281 17.75 4.00 -0.41
C PHE C 281 16.28 4.18 -0.07
N LEU C 282 15.54 3.08 -0.05
CA LEU C 282 14.13 3.12 0.29
C LEU C 282 13.90 3.68 1.69
N GLU C 283 14.77 3.31 2.62
CA GLU C 283 14.69 3.82 3.99
C GLU C 283 15.01 5.30 4.03
N ILE C 284 15.97 5.71 3.20
CA ILE C 284 16.36 7.13 3.14
C ILE C 284 15.22 7.99 2.62
N ILE C 285 14.58 7.55 1.54
CA ILE C 285 13.42 8.26 1.00
C ILE C 285 12.30 8.29 2.02
N SER C 286 12.07 7.16 2.67
CA SER C 286 11.02 7.03 3.68
C SER C 286 11.17 8.06 4.79
N SER C 287 12.41 8.37 5.16
CA SER C 287 12.67 9.29 6.25
C SER C 287 12.50 10.75 5.85
N ILE C 288 12.35 11.01 4.55
CA ILE C 288 12.19 12.39 4.07
C ILE C 288 10.98 12.62 3.16
N LYS C 289 10.15 11.60 2.98
CA LYS C 289 9.06 11.70 2.02
C LYS C 289 8.12 12.88 2.25
N GLU C 290 7.86 13.19 3.52
CA GLU C 290 6.96 14.30 3.86
C GLU C 290 7.50 15.65 3.40
N GLU C 291 8.82 15.80 3.35
CA GLU C 291 9.43 17.07 2.95
C GLU C 291 9.60 17.17 1.44
N MET C 292 9.30 16.10 0.72
CA MET C 292 9.35 16.10 -0.73
C MET C 292 8.15 16.85 -1.31
N GLU C 293 8.34 17.51 -2.45
CA GLU C 293 7.26 18.22 -3.11
C GLU C 293 6.13 17.28 -3.51
N PRO C 294 4.91 17.82 -3.70
CA PRO C 294 3.71 16.98 -3.87
C PRO C 294 3.80 16.02 -5.05
N GLY C 295 4.36 16.48 -6.16
CA GLY C 295 4.42 15.67 -7.37
C GLY C 295 5.28 14.43 -7.29
N PHE C 296 6.01 14.29 -6.18
CA PHE C 296 6.91 13.15 -5.99
C PHE C 296 6.14 11.84 -5.88
N ARG C 297 4.89 11.93 -5.45
CA ARG C 297 4.08 10.74 -5.22
C ARG C 297 3.56 10.14 -6.51
N GLU C 298 3.85 10.81 -7.62
CA GLU C 298 3.31 10.39 -8.91
C GLU C 298 4.39 10.00 -9.91
N VAL C 299 5.57 10.61 -9.79
CA VAL C 299 6.63 10.38 -10.75
C VAL C 299 7.70 9.41 -10.24
N SER C 300 7.74 9.19 -8.94
CA SER C 300 8.85 8.44 -8.34
C SER C 300 8.70 6.93 -8.44
N PHE C 301 9.82 6.23 -8.23
CA PHE C 301 9.82 4.79 -8.12
C PHE C 301 9.29 4.38 -6.75
N TYR C 302 9.53 5.22 -5.75
CA TYR C 302 9.13 4.93 -4.39
C TYR C 302 7.64 4.66 -4.26
N TYR C 303 6.83 5.45 -4.96
CA TYR C 303 5.38 5.33 -4.86
C TYR C 303 4.75 4.58 -6.04
N SER C 304 5.56 3.85 -6.80
CA SER C 304 5.05 3.12 -7.96
C SER C 304 4.65 1.69 -7.62
N GLU C 305 3.94 1.04 -8.55
CA GLU C 305 3.52 -0.35 -8.37
C GLU C 305 4.74 -1.26 -8.26
N GLU C 306 5.80 -0.87 -8.96
CA GLU C 306 7.05 -1.63 -9.00
C GLU C 306 7.64 -1.80 -7.59
N ASN C 307 7.18 -0.98 -6.65
CA ASN C 307 7.76 -0.96 -5.32
C ASN C 307 6.75 -1.26 -4.20
N SER D 2 -25.51 -7.00 10.89
CA SER D 2 -24.14 -7.41 10.57
C SER D 2 -24.07 -8.86 10.08
N PHE D 3 -24.70 -9.79 10.79
CA PHE D 3 -24.74 -11.18 10.37
C PHE D 3 -25.70 -11.36 9.19
N SER D 4 -25.22 -11.97 8.11
CA SER D 4 -26.04 -12.14 6.91
C SER D 4 -25.68 -13.43 6.21
N ALA D 5 -26.38 -13.73 5.12
CA ALA D 5 -26.15 -14.96 4.37
C ALA D 5 -24.68 -15.08 3.93
N ALA D 6 -24.00 -13.94 3.80
CA ALA D 6 -22.62 -13.93 3.33
C ALA D 6 -21.65 -14.56 4.33
N ASP D 7 -22.08 -14.68 5.59
CA ASP D 7 -21.24 -15.26 6.62
C ASP D 7 -21.33 -16.79 6.59
N VAL D 8 -22.38 -17.30 5.96
CA VAL D 8 -22.69 -18.73 6.01
C VAL D 8 -22.46 -19.47 4.69
N TYR D 9 -22.82 -18.84 3.57
CA TYR D 9 -22.81 -19.52 2.27
C TYR D 9 -21.51 -19.42 1.49
N VAL D 10 -20.52 -18.72 2.02
CA VAL D 10 -19.18 -18.72 1.43
C VAL D 10 -18.11 -18.96 2.49
N PRO D 11 -17.07 -19.72 2.12
CA PRO D 11 -15.94 -20.04 3.02
C PRO D 11 -15.09 -18.81 3.27
N ASP D 12 -14.61 -18.65 4.49
CA ASP D 12 -13.85 -17.45 4.87
C ASP D 12 -12.46 -17.41 4.21
N GLU D 13 -12.09 -18.46 3.49
CA GLU D 13 -10.81 -18.47 2.80
C GLU D 13 -10.85 -17.60 1.54
N TRP D 14 -12.04 -17.42 0.98
CA TRP D 14 -12.20 -16.58 -0.21
C TRP D 14 -12.32 -15.10 0.13
N GLU D 15 -12.28 -14.77 1.42
CA GLU D 15 -12.56 -13.41 1.87
C GLU D 15 -11.48 -12.40 1.52
N VAL D 16 -11.92 -11.26 0.99
CA VAL D 16 -11.04 -10.11 0.78
C VAL D 16 -11.57 -8.94 1.61
N ALA D 17 -10.70 -8.32 2.40
CA ALA D 17 -11.11 -7.20 3.23
C ALA D 17 -11.55 -6.04 2.36
N ARG D 18 -12.68 -5.43 2.68
CA ARG D 18 -13.22 -4.40 1.78
C ARG D 18 -12.43 -3.09 1.80
N GLU D 19 -11.55 -2.92 2.78
CA GLU D 19 -10.62 -1.79 2.76
C GLU D 19 -9.68 -1.90 1.56
N LYS D 20 -9.42 -3.13 1.12
CA LYS D 20 -8.55 -3.37 -0.03
C LYS D 20 -9.29 -3.14 -1.35
N ILE D 21 -10.59 -2.87 -1.27
CA ILE D 21 -11.39 -2.69 -2.47
C ILE D 21 -11.75 -1.22 -2.71
N THR D 22 -11.53 -0.78 -3.94
CA THR D 22 -11.86 0.59 -4.34
C THR D 22 -12.72 0.56 -5.60
N MET D 23 -13.86 1.25 -5.57
CA MET D 23 -14.77 1.27 -6.71
C MET D 23 -14.66 2.58 -7.49
N SER D 24 -14.95 2.52 -8.78
CA SER D 24 -14.64 3.62 -9.69
C SER D 24 -15.81 4.05 -10.57
N ARG D 25 -16.27 3.15 -11.43
CA ARG D 25 -17.34 3.48 -12.35
C ARG D 25 -18.29 2.31 -12.53
N GLU D 26 -19.47 2.60 -13.07
CA GLU D 26 -20.42 1.55 -13.39
C GLU D 26 -20.01 0.91 -14.70
N LEU D 27 -20.07 -0.42 -14.76
CA LEU D 27 -19.71 -1.16 -15.96
C LEU D 27 -20.96 -1.65 -16.67
N GLY D 28 -22.04 -1.78 -15.91
CA GLY D 28 -23.30 -2.23 -16.46
C GLY D 28 -24.12 -3.02 -15.45
N GLN D 29 -25.38 -3.26 -15.78
CA GLN D 29 -26.27 -4.03 -14.92
C GLN D 29 -25.98 -5.52 -15.02
N GLY D 30 -25.94 -6.19 -13.86
CA GLY D 30 -25.77 -7.63 -13.81
C GLY D 30 -27.01 -8.28 -13.24
N SER D 31 -26.98 -9.59 -13.09
CA SER D 31 -28.16 -10.34 -12.63
C SER D 31 -28.65 -9.93 -11.24
N PHE D 32 -27.72 -9.60 -10.34
CA PHE D 32 -28.08 -9.35 -8.95
C PHE D 32 -27.84 -7.92 -8.48
N GLY D 33 -27.36 -7.07 -9.38
CA GLY D 33 -27.09 -5.69 -9.03
C GLY D 33 -26.14 -5.01 -9.99
N MET D 34 -25.81 -3.75 -9.71
CA MET D 34 -24.93 -2.98 -10.57
C MET D 34 -23.51 -3.52 -10.51
N VAL D 35 -22.85 -3.57 -11.67
CA VAL D 35 -21.45 -4.00 -11.69
C VAL D 35 -20.53 -2.80 -11.86
N TYR D 36 -19.46 -2.78 -11.07
CA TYR D 36 -18.54 -1.65 -11.04
C TYR D 36 -17.13 -2.05 -11.43
N GLU D 37 -16.42 -1.13 -12.06
CA GLU D 37 -15.00 -1.32 -12.25
C GLU D 37 -14.31 -0.91 -10.96
N GLY D 38 -13.19 -1.55 -10.65
CA GLY D 38 -12.49 -1.22 -9.42
C GLY D 38 -11.03 -1.63 -9.40
N VAL D 39 -10.43 -1.56 -8.23
CA VAL D 39 -9.07 -2.01 -8.01
C VAL D 39 -9.03 -2.78 -6.70
N ALA D 40 -8.39 -3.93 -6.72
CA ALA D 40 -8.31 -4.77 -5.53
C ALA D 40 -6.87 -5.12 -5.20
N LYS D 41 -6.54 -5.10 -3.92
CA LYS D 41 -5.18 -5.37 -3.48
C LYS D 41 -5.03 -6.81 -3.01
N GLY D 42 -3.98 -7.46 -3.47
CA GLY D 42 -3.62 -8.79 -2.98
C GLY D 42 -4.35 -9.98 -3.59
N VAL D 43 -5.27 -9.73 -4.51
CA VAL D 43 -6.10 -10.80 -5.06
C VAL D 43 -5.37 -11.73 -6.03
N VAL D 44 -4.51 -11.16 -6.88
CA VAL D 44 -3.74 -11.96 -7.83
C VAL D 44 -2.30 -12.13 -7.39
N LYS D 45 -1.77 -13.34 -7.55
CA LYS D 45 -0.42 -13.68 -7.09
C LYS D 45 0.68 -12.80 -7.69
N ASP D 46 1.54 -12.27 -6.81
CA ASP D 46 2.66 -11.42 -7.21
C ASP D 46 2.24 -10.20 -8.03
N GLU D 47 1.09 -9.64 -7.65
CA GLU D 47 0.58 -8.42 -8.25
C GLU D 47 -0.07 -7.59 -7.13
N PRO D 48 0.54 -6.45 -6.80
CA PRO D 48 0.09 -5.64 -5.66
C PRO D 48 -1.35 -5.16 -5.84
N GLU D 49 -1.59 -4.46 -6.94
CA GLU D 49 -2.94 -4.03 -7.29
C GLU D 49 -3.42 -4.82 -8.50
N THR D 50 -4.70 -5.12 -8.54
CA THR D 50 -5.32 -5.72 -9.71
C THR D 50 -6.57 -4.93 -10.09
N ARG D 51 -6.71 -4.63 -11.37
CA ARG D 51 -7.95 -4.03 -11.85
C ARG D 51 -9.03 -5.10 -11.87
N VAL D 52 -10.23 -4.78 -11.41
CA VAL D 52 -11.26 -5.79 -11.21
C VAL D 52 -12.66 -5.32 -11.59
N ALA D 53 -13.55 -6.29 -11.77
CA ALA D 53 -14.98 -6.03 -11.87
C ALA D 53 -15.59 -6.39 -10.52
N ILE D 54 -16.43 -5.51 -10.00
CA ILE D 54 -17.03 -5.73 -8.69
C ILE D 54 -18.54 -5.89 -8.79
N LYS D 55 -19.04 -7.07 -8.48
CA LYS D 55 -20.47 -7.31 -8.44
C LYS D 55 -21.01 -7.05 -7.03
N THR D 56 -22.18 -6.43 -6.94
CA THR D 56 -22.74 -6.09 -5.64
C THR D 56 -24.14 -6.63 -5.42
N VAL D 57 -24.43 -6.95 -4.17
CA VAL D 57 -25.80 -7.18 -3.72
C VAL D 57 -26.01 -6.30 -2.50
N ASN D 58 -27.01 -5.44 -2.57
CA ASN D 58 -27.24 -4.44 -1.53
C ASN D 58 -27.78 -5.00 -0.22
N GLU D 59 -27.57 -4.24 0.86
CA GLU D 59 -28.13 -4.55 2.16
C GLU D 59 -29.64 -4.76 2.04
N ALA D 60 -30.26 -4.03 1.13
CA ALA D 60 -31.72 -4.03 0.99
C ALA D 60 -32.24 -5.20 0.14
N ALA D 61 -31.34 -5.92 -0.51
CA ALA D 61 -31.74 -7.06 -1.32
C ALA D 61 -32.36 -8.14 -0.44
N SER D 62 -33.29 -8.91 -1.01
CA SER D 62 -33.91 -10.01 -0.27
C SER D 62 -32.86 -11.05 0.09
N MET D 63 -33.07 -11.75 1.20
CA MET D 63 -32.17 -12.82 1.59
C MET D 63 -32.07 -13.89 0.51
N ARG D 64 -33.20 -14.18 -0.13
CA ARG D 64 -33.25 -15.21 -1.17
C ARG D 64 -32.28 -14.92 -2.31
N GLU D 65 -32.15 -13.64 -2.67
CA GLU D 65 -31.29 -13.24 -3.77
C GLU D 65 -29.81 -13.20 -3.39
N ARG D 66 -29.52 -12.88 -2.14
CA ARG D 66 -28.13 -12.91 -1.69
C ARG D 66 -27.63 -14.34 -1.76
N ILE D 67 -28.45 -15.29 -1.30
CA ILE D 67 -28.09 -16.71 -1.35
C ILE D 67 -27.87 -17.19 -2.79
N GLU D 68 -28.76 -16.81 -3.69
CA GLU D 68 -28.61 -17.16 -5.10
C GLU D 68 -27.33 -16.56 -5.66
N PHE D 69 -27.02 -15.36 -5.20
CA PHE D 69 -25.80 -14.63 -5.58
C PHE D 69 -24.55 -15.39 -5.11
N LEU D 70 -24.57 -15.83 -3.85
CA LEU D 70 -23.43 -16.50 -3.25
C LEU D 70 -23.26 -17.94 -3.74
N ASN D 71 -24.36 -18.64 -3.99
CA ASN D 71 -24.30 -19.98 -4.55
C ASN D 71 -23.70 -19.93 -5.94
N GLU D 72 -24.19 -19.03 -6.77
CA GLU D 72 -23.66 -18.82 -8.11
C GLU D 72 -22.16 -18.49 -8.03
N ALA D 73 -21.75 -17.92 -6.91
CA ALA D 73 -20.34 -17.61 -6.69
C ALA D 73 -19.55 -18.88 -6.39
N SER D 74 -20.09 -19.71 -5.50
CA SER D 74 -19.42 -20.95 -5.10
C SER D 74 -19.13 -21.87 -6.28
N VAL D 75 -20.05 -21.91 -7.24
CA VAL D 75 -19.85 -22.70 -8.44
C VAL D 75 -18.76 -22.10 -9.31
N MET D 76 -18.77 -20.78 -9.42
CA MET D 76 -17.82 -20.05 -10.24
C MET D 76 -16.39 -20.14 -9.70
N LYS D 77 -16.27 -20.09 -8.38
CA LYS D 77 -14.97 -20.13 -7.72
C LYS D 77 -14.11 -21.31 -8.18
N GLU D 78 -14.78 -22.40 -8.57
CA GLU D 78 -14.10 -23.62 -8.94
C GLU D 78 -13.38 -23.53 -10.30
N PHE D 79 -13.87 -22.65 -11.17
CA PHE D 79 -13.38 -22.61 -12.55
C PHE D 79 -12.08 -21.86 -12.75
N ASN D 80 -10.98 -22.60 -12.89
CA ASN D 80 -9.68 -22.01 -13.19
C ASN D 80 -9.21 -22.32 -14.61
N CYS D 81 -9.53 -21.43 -15.55
CA CYS D 81 -9.11 -21.60 -16.94
C CYS D 81 -8.87 -20.25 -17.59
N HIS D 82 -7.84 -20.18 -18.42
CA HIS D 82 -7.47 -18.92 -19.06
C HIS D 82 -8.59 -18.35 -19.93
N HIS D 83 -9.50 -19.21 -20.38
CA HIS D 83 -10.58 -18.74 -21.23
C HIS D 83 -11.91 -18.66 -20.50
N VAL D 84 -11.83 -18.58 -19.17
CA VAL D 84 -13.01 -18.36 -18.35
C VAL D 84 -12.78 -17.18 -17.41
N VAL D 85 -13.64 -16.17 -17.49
CA VAL D 85 -13.53 -15.02 -16.61
C VAL D 85 -13.44 -15.49 -15.16
N ARG D 86 -12.37 -15.10 -14.48
CA ARG D 86 -12.04 -15.68 -13.18
C ARG D 86 -12.70 -14.94 -12.02
N LEU D 87 -13.07 -15.70 -11.00
CA LEU D 87 -13.55 -15.12 -9.74
C LEU D 87 -12.35 -15.06 -8.81
N LEU D 88 -12.06 -13.86 -8.30
CA LEU D 88 -10.83 -13.64 -7.54
C LEU D 88 -11.04 -13.69 -6.03
N GLY D 89 -12.20 -13.25 -5.57
CA GLY D 89 -12.50 -13.25 -4.15
C GLY D 89 -13.90 -12.79 -3.82
N VAL D 90 -14.18 -12.67 -2.53
CA VAL D 90 -15.49 -12.22 -2.09
C VAL D 90 -15.37 -11.41 -0.80
N VAL D 91 -16.10 -10.29 -0.74
CA VAL D 91 -16.17 -9.50 0.47
C VAL D 91 -17.49 -9.78 1.17
N SER D 92 -17.42 -10.47 2.30
CA SER D 92 -18.63 -10.90 3.00
C SER D 92 -18.97 -10.03 4.21
N GLN D 93 -17.97 -9.33 4.75
CA GLN D 93 -18.20 -8.48 5.91
C GLN D 93 -18.71 -7.10 5.51
N GLY D 94 -19.86 -6.71 6.05
CA GLY D 94 -20.35 -5.35 5.95
C GLY D 94 -20.98 -4.86 4.66
N GLN D 95 -21.24 -3.55 4.64
CA GLN D 95 -21.85 -2.81 3.53
C GLN D 95 -22.61 -3.64 2.47
N PRO D 96 -22.32 -3.51 1.16
CA PRO D 96 -22.93 -4.53 0.28
C PRO D 96 -22.01 -5.73 0.05
N THR D 97 -22.61 -6.90 -0.16
CA THR D 97 -21.84 -8.09 -0.45
C THR D 97 -21.15 -7.94 -1.79
N LEU D 98 -19.84 -8.21 -1.82
CA LEU D 98 -19.06 -8.00 -3.04
C LEU D 98 -18.54 -9.32 -3.61
N VAL D 99 -18.65 -9.45 -4.93
CA VAL D 99 -17.94 -10.51 -5.63
C VAL D 99 -16.93 -9.87 -6.58
N ILE D 100 -15.66 -10.16 -6.39
CA ILE D 100 -14.59 -9.58 -7.20
C ILE D 100 -14.21 -10.49 -8.36
N MET D 101 -14.32 -9.95 -9.58
CA MET D 101 -14.04 -10.72 -10.79
C MET D 101 -12.89 -10.13 -11.60
N GLU D 102 -12.25 -10.96 -12.40
CA GLU D 102 -11.27 -10.51 -13.39
C GLU D 102 -11.93 -9.44 -14.27
N LEU D 103 -11.17 -8.39 -14.59
CA LEU D 103 -11.71 -7.31 -15.41
C LEU D 103 -11.47 -7.53 -16.90
N MET D 104 -12.55 -7.51 -17.67
CA MET D 104 -12.47 -7.58 -19.12
C MET D 104 -12.80 -6.19 -19.68
N THR D 105 -11.77 -5.46 -20.08
CA THR D 105 -11.89 -4.03 -20.35
C THR D 105 -12.70 -3.68 -21.60
N ARG D 106 -12.89 -4.65 -22.50
CA ARG D 106 -13.61 -4.35 -23.74
C ARG D 106 -15.07 -4.82 -23.70
N GLY D 107 -15.50 -5.31 -22.55
CA GLY D 107 -16.89 -5.60 -22.33
C GLY D 107 -17.40 -6.90 -22.95
N ASP D 108 -18.71 -7.05 -23.00
CA ASP D 108 -19.31 -8.27 -23.56
C ASP D 108 -19.03 -8.34 -25.05
N LEU D 109 -18.91 -9.55 -25.58
CA LEU D 109 -18.53 -9.77 -26.96
C LEU D 109 -19.57 -9.23 -27.96
N LYS D 110 -20.84 -9.36 -27.62
CA LYS D 110 -21.89 -8.88 -28.52
C LYS D 110 -21.81 -7.38 -28.77
N SER D 111 -21.62 -6.61 -27.70
CA SER D 111 -21.49 -5.16 -27.82
C SER D 111 -20.25 -4.79 -28.62
N TYR D 112 -19.15 -5.47 -28.35
CA TYR D 112 -17.91 -5.24 -29.07
C TYR D 112 -18.09 -5.47 -30.58
N LEU D 113 -18.79 -6.54 -30.93
CA LEU D 113 -19.04 -6.84 -32.34
C LEU D 113 -19.89 -5.76 -32.99
N ARG D 114 -20.89 -5.26 -32.25
CA ARG D 114 -21.73 -4.18 -32.73
C ARG D 114 -20.89 -2.94 -33.00
N SER D 115 -19.88 -2.70 -32.15
CA SER D 115 -19.07 -1.51 -32.27
C SER D 115 -18.20 -1.52 -33.54
N LEU D 116 -18.01 -2.71 -34.11
CA LEU D 116 -17.18 -2.85 -35.31
C LEU D 116 -17.90 -2.44 -36.58
N ARG D 117 -19.23 -2.34 -36.52
CA ARG D 117 -20.01 -1.93 -37.68
C ARG D 117 -19.65 -0.51 -38.10
N PRO D 118 -19.96 -0.15 -39.35
CA PRO D 118 -19.69 1.20 -39.88
C PRO D 118 -20.56 2.26 -39.21
N PRO D 129 -15.07 -9.31 -39.05
CA PRO D 129 -13.60 -9.41 -38.91
C PRO D 129 -13.02 -10.40 -39.92
N SER D 130 -11.70 -10.42 -40.05
CA SER D 130 -11.03 -11.37 -40.94
C SER D 130 -11.17 -12.80 -40.42
N LEU D 131 -10.96 -13.78 -41.29
CA LEU D 131 -11.07 -15.18 -40.90
C LEU D 131 -10.12 -15.48 -39.74
N SER D 132 -8.91 -14.95 -39.80
CA SER D 132 -7.93 -15.13 -38.74
C SER D 132 -8.49 -14.63 -37.41
N LYS D 133 -9.04 -13.43 -37.40
CA LYS D 133 -9.62 -12.84 -36.20
C LYS D 133 -10.68 -13.77 -35.61
N MET D 134 -11.61 -14.19 -36.45
CA MET D 134 -12.75 -15.00 -36.01
C MET D 134 -12.35 -16.39 -35.51
N ILE D 135 -11.34 -17.00 -36.14
CA ILE D 135 -10.85 -18.29 -35.69
C ILE D 135 -10.27 -18.19 -34.29
N GLN D 136 -9.60 -17.07 -34.02
CA GLN D 136 -8.99 -16.84 -32.72
C GLN D 136 -10.05 -16.80 -31.63
N MET D 137 -11.11 -16.04 -31.87
CA MET D 137 -12.24 -15.97 -30.96
C MET D 137 -12.88 -17.35 -30.80
N ALA D 138 -13.13 -18.01 -31.92
CA ALA D 138 -13.80 -19.30 -31.91
C ALA D 138 -13.04 -20.31 -31.06
N GLY D 139 -11.72 -20.36 -31.26
CA GLY D 139 -10.87 -21.30 -30.53
C GLY D 139 -10.84 -21.03 -29.04
N GLU D 140 -10.85 -19.75 -28.67
CA GLU D 140 -10.82 -19.37 -27.27
C GLU D 140 -12.14 -19.71 -26.59
N ILE D 141 -13.25 -19.40 -27.26
CA ILE D 141 -14.56 -19.76 -26.75
C ILE D 141 -14.67 -21.28 -26.62
N ALA D 142 -14.18 -21.99 -27.63
CA ALA D 142 -14.24 -23.45 -27.65
C ALA D 142 -13.42 -24.07 -26.52
N ASP D 143 -12.23 -23.52 -26.28
CA ASP D 143 -11.36 -24.01 -25.23
C ASP D 143 -12.02 -23.84 -23.86
N GLY D 144 -12.62 -22.68 -23.65
CA GLY D 144 -13.35 -22.41 -22.43
C GLY D 144 -14.45 -23.43 -22.23
N MET D 145 -15.22 -23.68 -23.29
CA MET D 145 -16.29 -24.66 -23.23
C MET D 145 -15.77 -26.07 -23.00
N ALA D 146 -14.64 -26.41 -23.62
CA ALA D 146 -14.05 -27.73 -23.41
C ALA D 146 -13.72 -27.92 -21.94
N TYR D 147 -13.20 -26.88 -21.32
CA TYR D 147 -12.87 -26.92 -19.90
C TYR D 147 -14.11 -27.18 -19.04
N LEU D 148 -15.20 -26.48 -19.34
CA LEU D 148 -16.44 -26.65 -18.59
C LEU D 148 -17.01 -28.06 -18.69
N ASN D 149 -17.11 -28.56 -19.92
CA ASN D 149 -17.66 -29.90 -20.12
C ASN D 149 -16.76 -30.97 -19.50
N ALA D 150 -15.45 -30.74 -19.53
CA ALA D 150 -14.51 -31.67 -18.92
C ALA D 150 -14.71 -31.74 -17.40
N ASN D 151 -15.12 -30.64 -16.80
CA ASN D 151 -15.40 -30.61 -15.36
C ASN D 151 -16.86 -30.98 -15.07
N LYS D 152 -17.55 -31.51 -16.08
CA LYS D 152 -18.93 -31.99 -15.95
C LYS D 152 -19.95 -30.91 -15.64
N PHE D 153 -19.94 -29.84 -16.42
CA PHE D 153 -20.95 -28.80 -16.35
C PHE D 153 -21.47 -28.49 -17.75
N VAL D 154 -22.77 -28.29 -17.89
CA VAL D 154 -23.32 -27.72 -19.12
C VAL D 154 -23.55 -26.24 -18.90
N HIS D 155 -23.13 -25.41 -19.86
CA HIS D 155 -23.28 -23.97 -19.72
C HIS D 155 -24.73 -23.52 -19.92
N ARG D 156 -25.35 -23.99 -21.01
CA ARG D 156 -26.77 -23.77 -21.28
C ARG D 156 -27.11 -22.37 -21.79
N ASP D 157 -26.16 -21.44 -21.73
CA ASP D 157 -26.47 -20.05 -22.05
C ASP D 157 -25.41 -19.39 -22.92
N LEU D 158 -24.67 -20.19 -23.69
CA LEU D 158 -23.62 -19.66 -24.54
C LEU D 158 -24.17 -18.71 -25.60
N ALA D 159 -23.67 -17.47 -25.58
CA ALA D 159 -24.03 -16.47 -26.58
C ALA D 159 -23.02 -15.33 -26.51
N ALA D 160 -22.93 -14.56 -27.60
CA ALA D 160 -21.98 -13.44 -27.66
C ALA D 160 -22.09 -12.58 -26.40
N ARG D 161 -23.31 -12.22 -26.04
CA ARG D 161 -23.54 -11.34 -24.90
C ARG D 161 -22.99 -11.92 -23.60
N ASN D 162 -22.77 -13.23 -23.56
CA ASN D 162 -22.26 -13.89 -22.36
C ASN D 162 -20.76 -14.21 -22.41
N CYS D 163 -20.09 -13.75 -23.46
CA CYS D 163 -18.64 -13.84 -23.53
C CYS D 163 -18.05 -12.45 -23.38
N MET D 164 -16.84 -12.38 -22.82
CA MET D 164 -16.19 -11.10 -22.56
C MET D 164 -14.91 -10.92 -23.36
N VAL D 165 -14.61 -9.68 -23.72
CA VAL D 165 -13.41 -9.35 -24.50
C VAL D 165 -12.38 -8.63 -23.64
N ALA D 166 -11.21 -9.24 -23.48
CA ALA D 166 -10.14 -8.66 -22.67
C ALA D 166 -9.44 -7.51 -23.39
N GLU D 167 -8.51 -6.85 -22.69
CA GLU D 167 -7.75 -5.74 -23.26
C GLU D 167 -7.03 -6.15 -24.54
N ASP D 168 -6.47 -7.35 -24.56
CA ASP D 168 -5.73 -7.84 -25.72
C ASP D 168 -6.62 -8.59 -26.70
N PHE D 169 -7.94 -8.46 -26.52
CA PHE D 169 -8.93 -9.03 -27.44
C PHE D 169 -9.22 -10.53 -27.24
N THR D 170 -8.54 -11.14 -26.26
CA THR D 170 -8.84 -12.51 -25.88
C THR D 170 -10.30 -12.63 -25.45
N VAL D 171 -11.02 -13.58 -26.03
CA VAL D 171 -12.39 -13.82 -25.62
C VAL D 171 -12.45 -14.90 -24.56
N LYS D 172 -13.30 -14.71 -23.56
CA LYS D 172 -13.50 -15.69 -22.51
C LYS D 172 -14.98 -15.81 -22.21
N ILE D 173 -15.38 -16.92 -21.61
CA ILE D 173 -16.78 -17.10 -21.22
C ILE D 173 -17.01 -16.42 -19.87
N GLY D 174 -18.05 -15.61 -19.79
CA GLY D 174 -18.21 -14.70 -18.65
C GLY D 174 -19.35 -14.97 -17.68
N ASP D 175 -20.51 -15.36 -18.20
CA ASP D 175 -21.69 -15.55 -17.36
C ASP D 175 -21.98 -17.03 -17.15
N PHE D 176 -22.21 -17.43 -15.90
CA PHE D 176 -22.47 -18.83 -15.59
C PHE D 176 -23.75 -19.03 -14.80
N GLY D 177 -24.70 -18.11 -14.98
CA GLY D 177 -25.92 -18.14 -14.20
C GLY D 177 -26.82 -19.34 -14.45
N MET D 178 -26.64 -20.01 -15.58
CA MET D 178 -27.52 -21.11 -15.95
C MET D 178 -26.84 -22.49 -15.97
N THR D 179 -25.55 -22.54 -15.66
CA THR D 179 -24.82 -23.81 -15.71
C THR D 179 -25.42 -24.86 -14.78
N ARG D 180 -25.36 -26.11 -15.21
CA ARG D 180 -25.85 -27.23 -14.43
C ARG D 180 -24.80 -28.33 -14.35
N ASP D 181 -24.73 -28.99 -13.20
CA ASP D 181 -23.81 -30.10 -12.98
C ASP D 181 -24.37 -31.37 -13.63
N ILE D 182 -23.56 -32.04 -14.45
CA ILE D 182 -24.03 -33.21 -15.18
C ILE D 182 -23.18 -34.46 -14.95
N PTR D 183 -22.53 -34.54 -13.80
CA PTR D 183 -21.77 -35.72 -13.42
C PTR D 183 -22.73 -36.85 -13.06
O PTR D 183 -23.74 -36.63 -12.41
CB PTR D 183 -20.87 -35.34 -12.24
CG PTR D 183 -19.92 -36.42 -11.78
CD1 PTR D 183 -18.57 -36.37 -12.10
CD2 PTR D 183 -20.36 -37.48 -11.00
CE1 PTR D 183 -17.69 -37.35 -11.68
CE2 PTR D 183 -19.49 -38.47 -10.57
CZ PTR D 183 -18.16 -38.40 -10.91
OH PTR D 183 -17.36 -39.26 -10.53
P PTR D 183 -17.50 -40.82 -10.93
O1P PTR D 183 -18.06 -41.55 -9.77
O2P PTR D 183 -16.10 -41.38 -11.26
O3P PTR D 183 -18.43 -40.99 -12.15
N GLU D 184 -22.41 -38.06 -13.53
CA GLU D 184 -23.23 -39.25 -13.25
C GLU D 184 -24.47 -39.36 -14.14
N THR D 185 -24.70 -38.36 -14.98
CA THR D 185 -25.90 -38.33 -15.81
C THR D 185 -25.62 -37.86 -17.25
N ASP D 186 -24.84 -36.79 -17.37
CA ASP D 186 -24.45 -36.25 -18.67
C ASP D 186 -25.51 -35.41 -19.38
N PTR D 187 -26.65 -35.22 -18.72
CA PTR D 187 -27.68 -34.34 -19.26
C PTR D 187 -28.40 -33.57 -18.14
O PTR D 187 -28.30 -33.93 -16.97
CB PTR D 187 -28.69 -35.06 -20.16
CG PTR D 187 -29.66 -35.97 -19.43
CD1 PTR D 187 -30.95 -35.55 -19.15
CD2 PTR D 187 -29.29 -37.26 -19.06
CE1 PTR D 187 -31.85 -36.39 -18.49
CE2 PTR D 187 -30.17 -38.09 -18.41
CZ PTR D 187 -31.46 -37.66 -18.12
OH PTR D 187 -32.23 -38.42 -17.53
P PTR D 187 -33.81 -38.51 -17.89
O1P PTR D 187 -34.52 -37.36 -17.30
O2P PTR D 187 -34.38 -39.81 -17.28
O3P PTR D 187 -34.01 -38.54 -19.41
N PTR D 188 -29.09 -32.51 -18.52
CA PTR D 188 -29.97 -31.79 -17.59
C PTR D 188 -31.32 -31.60 -18.24
O PTR D 188 -31.43 -31.13 -19.39
CB PTR D 188 -29.42 -30.43 -17.17
CG PTR D 188 -30.45 -29.54 -16.48
CD1 PTR D 188 -30.79 -29.75 -15.15
CD2 PTR D 188 -31.10 -28.54 -17.17
CE1 PTR D 188 -31.73 -28.94 -14.52
CE2 PTR D 188 -32.05 -27.74 -16.56
CZ PTR D 188 -32.36 -27.94 -15.24
OH PTR D 188 -33.22 -27.21 -14.72
P PTR D 188 -33.66 -27.26 -13.17
O1P PTR D 188 -34.31 -28.56 -12.90
O2P PTR D 188 -34.67 -26.12 -12.94
O3P PTR D 188 -32.45 -27.06 -12.24
N ARG D 189 -32.37 -31.95 -17.52
CA ARG D 189 -33.73 -31.80 -18.02
C ARG D 189 -34.50 -30.75 -17.22
N LYS D 190 -34.88 -29.66 -17.89
CA LYS D 190 -35.72 -28.62 -17.27
C LYS D 190 -37.08 -29.17 -16.83
N GLY D 191 -37.68 -28.53 -15.83
CA GLY D 191 -38.96 -28.96 -15.30
C GLY D 191 -40.16 -28.17 -15.82
N GLY D 192 -40.26 -26.89 -15.43
CA GLY D 192 -41.51 -26.18 -15.63
C GLY D 192 -41.50 -24.82 -16.27
N LYS D 193 -40.33 -24.19 -16.38
CA LYS D 193 -40.24 -22.88 -17.05
C LYS D 193 -38.81 -22.37 -17.06
N GLY D 194 -38.26 -22.20 -18.26
CA GLY D 194 -36.93 -21.67 -18.42
C GLY D 194 -36.96 -20.25 -18.94
N LEU D 195 -35.88 -19.52 -18.73
CA LEU D 195 -35.79 -18.14 -19.21
C LEU D 195 -34.62 -17.95 -20.18
N LEU D 196 -34.19 -19.05 -20.79
CA LEU D 196 -33.13 -18.97 -21.81
C LEU D 196 -33.71 -18.44 -23.11
N PRO D 197 -32.92 -17.63 -23.83
CA PRO D 197 -33.38 -17.04 -25.10
C PRO D 197 -33.59 -18.12 -26.16
N VAL D 198 -34.75 -18.12 -26.80
CA VAL D 198 -35.10 -19.16 -27.77
C VAL D 198 -34.12 -19.28 -28.94
N ARG D 199 -33.53 -18.16 -29.35
CA ARG D 199 -32.75 -18.13 -30.58
C ARG D 199 -31.38 -18.79 -30.48
N TRP D 200 -30.97 -19.19 -29.27
CA TRP D 200 -29.72 -19.90 -29.08
C TRP D 200 -29.92 -21.36 -28.67
N MET D 201 -31.18 -21.79 -28.59
CA MET D 201 -31.50 -23.14 -28.11
C MET D 201 -31.54 -24.20 -29.22
N SER D 202 -30.93 -25.36 -28.95
CA SER D 202 -30.94 -26.48 -29.87
C SER D 202 -32.36 -27.04 -30.03
N PRO D 203 -32.61 -27.77 -31.12
CA PRO D 203 -33.90 -28.42 -31.35
C PRO D 203 -34.34 -29.30 -30.17
N GLU D 204 -33.41 -30.08 -29.60
CA GLU D 204 -33.78 -31.00 -28.53
C GLU D 204 -34.09 -30.27 -27.22
N SER D 205 -33.42 -29.15 -26.99
CA SER D 205 -33.71 -28.35 -25.81
C SER D 205 -35.10 -27.73 -25.92
N LEU D 206 -35.46 -27.29 -27.12
CA LEU D 206 -36.74 -26.65 -27.37
C LEU D 206 -37.88 -27.67 -27.31
N LYS D 207 -37.59 -28.89 -27.74
CA LYS D 207 -38.62 -29.91 -27.85
C LYS D 207 -38.90 -30.59 -26.52
N ASP D 208 -37.85 -30.88 -25.76
CA ASP D 208 -37.98 -31.66 -24.53
C ASP D 208 -37.27 -31.05 -23.33
N GLY D 209 -36.64 -29.90 -23.52
CA GLY D 209 -35.94 -29.24 -22.42
C GLY D 209 -34.74 -30.02 -21.94
N VAL D 210 -34.03 -30.66 -22.85
CA VAL D 210 -32.83 -31.42 -22.51
C VAL D 210 -31.57 -30.67 -22.93
N PHE D 211 -30.57 -30.71 -22.06
CA PHE D 211 -29.32 -30.01 -22.28
C PHE D 211 -28.12 -30.93 -22.07
N THR D 212 -27.21 -30.93 -23.04
CA THR D 212 -25.98 -31.70 -22.93
C THR D 212 -24.84 -30.89 -23.49
N THR D 213 -23.64 -31.44 -23.43
CA THR D 213 -22.50 -30.81 -24.07
C THR D 213 -22.85 -30.51 -25.53
N TYR D 214 -23.70 -31.35 -26.11
CA TYR D 214 -24.08 -31.20 -27.51
C TYR D 214 -24.91 -29.95 -27.77
N SER D 215 -25.79 -29.58 -26.82
CA SER D 215 -26.61 -28.40 -27.01
C SER D 215 -25.77 -27.14 -26.78
N ASP D 216 -24.66 -27.28 -26.06
CA ASP D 216 -23.69 -26.20 -25.91
C ASP D 216 -22.97 -25.98 -27.24
N VAL D 217 -22.74 -27.07 -27.96
CA VAL D 217 -22.11 -26.98 -29.27
C VAL D 217 -23.03 -26.31 -30.27
N TRP D 218 -24.33 -26.57 -30.17
CA TRP D 218 -25.31 -25.90 -31.02
C TRP D 218 -25.22 -24.40 -30.82
N SER D 219 -25.27 -23.97 -29.55
CA SER D 219 -25.21 -22.55 -29.23
C SER D 219 -23.91 -21.94 -29.72
N PHE D 220 -22.82 -22.72 -29.64
CA PHE D 220 -21.53 -22.31 -30.14
C PHE D 220 -21.63 -21.95 -31.63
N GLY D 221 -22.38 -22.74 -32.38
CA GLY D 221 -22.60 -22.48 -33.79
C GLY D 221 -23.24 -21.13 -34.02
N VAL D 222 -24.12 -20.75 -33.10
CA VAL D 222 -24.83 -19.48 -33.19
C VAL D 222 -23.95 -18.26 -32.84
N VAL D 223 -22.97 -18.43 -31.97
CA VAL D 223 -22.05 -17.33 -31.70
C VAL D 223 -21.09 -17.17 -32.89
N LEU D 224 -20.69 -18.28 -33.49
CA LEU D 224 -19.90 -18.23 -34.71
C LEU D 224 -20.66 -17.36 -35.70
N TRP D 225 -21.95 -17.62 -35.82
CA TRP D 225 -22.82 -16.88 -36.72
C TRP D 225 -22.93 -15.43 -36.28
N GLU D 226 -22.96 -15.20 -34.97
CA GLU D 226 -23.04 -13.85 -34.44
C GLU D 226 -21.78 -13.06 -34.83
N ILE D 227 -20.63 -13.70 -34.74
CA ILE D 227 -19.37 -13.07 -35.11
C ILE D 227 -19.30 -12.77 -36.61
N ALA D 228 -19.87 -13.66 -37.41
CA ALA D 228 -19.86 -13.51 -38.86
C ALA D 228 -20.74 -12.37 -39.33
N THR D 229 -21.78 -12.07 -38.56
CA THR D 229 -22.73 -11.03 -38.92
C THR D 229 -22.54 -9.79 -38.07
N LEU D 230 -21.49 -9.79 -37.24
CA LEU D 230 -21.24 -8.70 -36.31
C LEU D 230 -22.44 -8.42 -35.41
N ALA D 231 -22.94 -9.48 -34.78
CA ALA D 231 -23.96 -9.40 -33.72
C ALA D 231 -25.37 -9.06 -34.22
N GLU D 232 -25.76 -9.65 -35.34
CA GLU D 232 -27.11 -9.53 -35.84
C GLU D 232 -28.02 -10.40 -34.98
N GLN D 233 -29.32 -10.13 -35.01
CA GLN D 233 -30.28 -10.98 -34.30
C GLN D 233 -30.53 -12.25 -35.10
N PRO D 234 -30.21 -13.42 -34.52
CA PRO D 234 -30.45 -14.68 -35.23
C PRO D 234 -31.91 -14.81 -35.62
N TYR D 235 -32.16 -15.30 -36.84
CA TYR D 235 -33.51 -15.46 -37.36
C TYR D 235 -34.31 -14.15 -37.35
N GLN D 236 -33.64 -13.04 -37.61
CA GLN D 236 -34.32 -11.76 -37.75
C GLN D 236 -35.42 -11.92 -38.80
N GLY D 237 -36.59 -11.35 -38.52
CA GLY D 237 -37.72 -11.50 -39.43
C GLY D 237 -38.67 -12.60 -38.96
N LEU D 238 -38.31 -13.25 -37.87
CA LEU D 238 -39.17 -14.25 -37.25
C LEU D 238 -39.39 -13.88 -35.79
N SER D 239 -40.63 -13.94 -35.33
CA SER D 239 -40.88 -13.76 -33.91
C SER D 239 -40.38 -15.01 -33.19
N ASN D 240 -40.33 -14.94 -31.86
CA ASN D 240 -39.83 -16.06 -31.08
C ASN D 240 -40.66 -17.33 -31.27
N GLU D 241 -41.97 -17.17 -31.42
CA GLU D 241 -42.84 -18.31 -31.66
C GLU D 241 -42.58 -18.94 -33.02
N GLN D 242 -42.13 -18.12 -33.95
CA GLN D 242 -41.83 -18.60 -35.30
C GLN D 242 -40.45 -19.24 -35.37
N VAL D 243 -39.50 -18.70 -34.61
CA VAL D 243 -38.19 -19.31 -34.46
C VAL D 243 -38.33 -20.71 -33.87
N LEU D 244 -39.20 -20.85 -32.89
CA LEU D 244 -39.40 -22.11 -32.18
C LEU D 244 -39.81 -23.24 -33.12
N ARG D 245 -40.74 -22.96 -34.02
CA ARG D 245 -41.20 -23.96 -34.99
C ARG D 245 -40.16 -24.18 -36.08
N PHE D 246 -39.52 -23.11 -36.50
CA PHE D 246 -38.48 -23.19 -37.51
C PHE D 246 -37.36 -24.14 -37.06
N VAL D 247 -36.76 -23.83 -35.92
CA VAL D 247 -35.61 -24.58 -35.41
C VAL D 247 -35.93 -26.04 -35.05
N MET D 248 -37.07 -26.27 -34.39
CA MET D 248 -37.46 -27.63 -34.00
C MET D 248 -37.67 -28.56 -35.19
N GLU D 249 -38.14 -28.01 -36.30
CA GLU D 249 -38.47 -28.81 -37.47
C GLU D 249 -37.33 -28.88 -38.47
N GLY D 250 -36.16 -28.39 -38.09
CA GLY D 250 -34.96 -28.57 -38.89
C GLY D 250 -34.40 -27.33 -39.58
N GLY D 251 -35.10 -26.20 -39.43
CA GLY D 251 -34.66 -24.96 -40.05
C GLY D 251 -33.30 -24.51 -39.56
N LEU D 252 -32.58 -23.76 -40.40
CA LEU D 252 -31.25 -23.28 -40.06
C LEU D 252 -31.06 -21.82 -40.46
N LEU D 253 -30.09 -21.18 -39.82
CA LEU D 253 -29.67 -19.84 -40.23
C LEU D 253 -29.03 -19.92 -41.60
N ASP D 254 -29.21 -18.87 -42.40
CA ASP D 254 -28.57 -18.79 -43.71
C ASP D 254 -27.13 -18.36 -43.57
N LYS D 255 -26.30 -18.73 -44.52
CA LYS D 255 -24.93 -18.27 -44.55
C LYS D 255 -24.92 -16.75 -44.68
N PRO D 256 -24.17 -16.07 -43.79
CA PRO D 256 -24.06 -14.60 -43.80
C PRO D 256 -23.50 -14.08 -45.12
N ASP D 257 -23.93 -12.88 -45.51
CA ASP D 257 -23.61 -12.30 -46.82
C ASP D 257 -22.16 -12.49 -47.28
N ASN D 258 -21.20 -12.24 -46.40
CA ASN D 258 -19.80 -12.33 -46.79
C ASN D 258 -18.99 -13.30 -45.93
N CYS D 259 -19.64 -14.37 -45.49
CA CYS D 259 -19.02 -15.34 -44.61
C CYS D 259 -18.05 -16.27 -45.34
N PRO D 260 -16.85 -16.45 -44.79
CA PRO D 260 -15.89 -17.41 -45.35
C PRO D 260 -16.50 -18.81 -45.34
N ASP D 261 -16.33 -19.56 -46.42
CA ASP D 261 -16.90 -20.90 -46.54
C ASP D 261 -16.57 -21.76 -45.32
N MET D 262 -15.36 -21.58 -44.81
CA MET D 262 -14.85 -22.40 -43.72
C MET D 262 -15.67 -22.27 -42.44
N LEU D 263 -15.92 -21.04 -42.03
CA LEU D 263 -16.64 -20.79 -40.78
C LEU D 263 -18.08 -21.32 -40.84
N PHE D 264 -18.70 -21.22 -42.01
CA PHE D 264 -20.09 -21.68 -42.17
C PHE D 264 -20.20 -23.21 -42.17
N GLU D 265 -19.22 -23.89 -42.75
CA GLU D 265 -19.21 -25.35 -42.72
C GLU D 265 -19.07 -25.84 -41.28
N LEU D 266 -18.44 -25.02 -40.44
CA LEU D 266 -18.30 -25.33 -39.03
C LEU D 266 -19.65 -25.17 -38.33
N MET D 267 -20.36 -24.09 -38.68
CA MET D 267 -21.69 -23.87 -38.13
C MET D 267 -22.62 -25.03 -38.48
N ARG D 268 -22.49 -25.54 -39.70
CA ARG D 268 -23.33 -26.64 -40.17
C ARG D 268 -23.10 -27.92 -39.37
N MET D 269 -21.87 -28.14 -38.94
CA MET D 269 -21.54 -29.31 -38.13
C MET D 269 -22.14 -29.15 -36.74
N CYS D 270 -22.04 -27.94 -36.19
CA CYS D 270 -22.63 -27.63 -34.90
C CYS D 270 -24.15 -27.70 -34.94
N TRP D 271 -24.71 -27.58 -36.14
CA TRP D 271 -26.16 -27.56 -36.29
C TRP D 271 -26.74 -28.87 -36.81
N GLN D 272 -26.00 -29.97 -36.67
CA GLN D 272 -26.57 -31.27 -36.96
C GLN D 272 -27.83 -31.44 -36.14
N TYR D 273 -28.90 -31.89 -36.77
CA TYR D 273 -30.18 -32.04 -36.09
C TYR D 273 -30.07 -33.10 -35.00
N ASN D 274 -29.28 -34.12 -35.28
CA ASN D 274 -29.00 -35.19 -34.34
C ASN D 274 -27.84 -34.79 -33.43
N PRO D 275 -28.12 -34.62 -32.12
CA PRO D 275 -27.11 -34.16 -31.16
C PRO D 275 -25.80 -34.95 -31.22
N LYS D 276 -25.88 -36.24 -31.47
CA LYS D 276 -24.69 -37.10 -31.48
C LYS D 276 -23.80 -36.83 -32.69
N MET D 277 -24.37 -36.25 -33.74
CA MET D 277 -23.63 -36.03 -34.98
C MET D 277 -22.89 -34.69 -34.99
N ARG D 278 -22.95 -33.97 -33.88
CA ARG D 278 -22.22 -32.70 -33.76
C ARG D 278 -20.81 -32.94 -33.25
N PRO D 279 -19.89 -32.00 -33.51
CA PRO D 279 -18.52 -32.17 -33.01
C PRO D 279 -18.48 -31.88 -31.52
N SER D 280 -17.47 -32.39 -30.83
CA SER D 280 -17.23 -31.98 -29.44
C SER D 280 -16.40 -30.71 -29.48
N PHE D 281 -16.33 -29.99 -28.36
CA PHE D 281 -15.51 -28.79 -28.32
C PHE D 281 -14.04 -29.11 -28.55
N LEU D 282 -13.58 -30.24 -27.99
CA LEU D 282 -12.21 -30.68 -28.21
C LEU D 282 -11.94 -30.93 -29.70
N GLU D 283 -12.91 -31.52 -30.38
CA GLU D 283 -12.79 -31.74 -31.83
C GLU D 283 -12.80 -30.43 -32.61
N ILE D 284 -13.61 -29.47 -32.18
CA ILE D 284 -13.61 -28.15 -32.79
C ILE D 284 -12.21 -27.55 -32.72
N ILE D 285 -11.61 -27.61 -31.53
CA ILE D 285 -10.29 -27.04 -31.30
C ILE D 285 -9.21 -27.65 -32.19
N SER D 286 -9.15 -28.98 -32.24
CA SER D 286 -8.12 -29.67 -33.01
C SER D 286 -8.24 -29.42 -34.51
N SER D 287 -9.42 -28.97 -34.95
CA SER D 287 -9.64 -28.70 -36.36
C SER D 287 -9.16 -27.31 -36.74
N ILE D 288 -8.90 -26.46 -35.73
CA ILE D 288 -8.46 -25.09 -35.97
C ILE D 288 -7.21 -24.70 -35.18
N LYS D 289 -6.67 -25.62 -34.39
CA LYS D 289 -5.55 -25.29 -33.50
C LYS D 289 -4.34 -24.71 -34.24
N GLU D 290 -4.02 -25.27 -35.40
CA GLU D 290 -2.89 -24.78 -36.19
C GLU D 290 -3.05 -23.32 -36.58
N GLU D 291 -4.29 -22.87 -36.72
CA GLU D 291 -4.57 -21.49 -37.14
C GLU D 291 -4.71 -20.51 -35.98
N MET D 292 -4.49 -20.99 -34.75
CA MET D 292 -4.52 -20.14 -33.56
C MET D 292 -3.18 -19.41 -33.40
N GLU D 293 -3.22 -18.27 -32.73
CA GLU D 293 -1.98 -17.54 -32.42
C GLU D 293 -1.06 -18.40 -31.55
N PRO D 294 0.25 -18.24 -31.73
CA PRO D 294 1.33 -18.96 -31.03
C PRO D 294 1.07 -19.25 -29.54
N GLY D 295 0.63 -18.25 -28.78
CA GLY D 295 0.51 -18.40 -27.34
C GLY D 295 -0.50 -19.42 -26.85
N PHE D 296 -1.23 -20.04 -27.78
CA PHE D 296 -2.32 -20.93 -27.42
C PHE D 296 -1.86 -22.19 -26.69
N ARG D 297 -0.65 -22.64 -27.01
CA ARG D 297 -0.12 -23.85 -26.39
C ARG D 297 0.08 -23.68 -24.89
N GLU D 298 0.45 -22.46 -24.48
CA GLU D 298 0.74 -22.22 -23.07
C GLU D 298 -0.52 -22.07 -22.22
N VAL D 299 -1.45 -21.24 -22.68
CA VAL D 299 -2.58 -20.83 -21.87
C VAL D 299 -3.81 -21.75 -21.92
N SER D 300 -4.01 -22.45 -23.03
CA SER D 300 -5.26 -23.17 -23.26
C SER D 300 -5.45 -24.42 -22.39
N PHE D 301 -6.70 -24.81 -22.18
CA PHE D 301 -7.01 -26.07 -21.52
C PHE D 301 -6.65 -27.23 -22.44
N TYR D 302 -6.79 -26.99 -23.74
CA TYR D 302 -6.50 -28.01 -24.74
C TYR D 302 -5.12 -28.64 -24.53
N TYR D 303 -4.12 -27.80 -24.29
CA TYR D 303 -2.75 -28.27 -24.13
C TYR D 303 -2.28 -28.39 -22.67
N SER D 304 -3.22 -28.38 -21.73
CA SER D 304 -2.87 -28.50 -20.32
C SER D 304 -2.76 -29.96 -19.90
N GLU D 305 -2.15 -30.20 -18.75
CA GLU D 305 -2.04 -31.55 -18.23
C GLU D 305 -3.42 -32.10 -17.88
N GLU D 306 -4.32 -31.22 -17.46
CA GLU D 306 -5.68 -31.61 -17.08
C GLU D 306 -6.39 -32.33 -18.22
N ASN D 307 -6.06 -31.96 -19.45
CA ASN D 307 -6.70 -32.56 -20.62
C ASN D 307 -5.99 -33.85 -21.05
C1 575 E . -11.95 24.81 -5.29
C2 575 E . -11.76 25.41 -4.05
C3 575 E . -12.79 26.11 -3.40
C4 575 E . -14.02 26.21 -4.05
C5 575 E . -14.22 25.62 -5.31
C6 575 E . -13.20 24.92 -5.94
C7 575 E . -13.45 24.31 -7.30
N1 575 E . -13.23 22.82 -7.50
C8 575 E . -14.25 22.19 -8.42
C9 575 E . -14.35 20.73 -7.99
C10 575 E . -13.33 20.56 -6.88
C11 575 E . -13.23 21.95 -6.27
N2 575 E . -12.56 26.69 -2.14
C12 575 E . -13.31 27.67 -1.53
C13 575 E . -13.09 28.45 -0.46
C14 575 E . -14.17 29.30 0.09
C15 575 E . -15.36 29.55 -0.64
C16 575 E . -16.38 30.35 -0.12
C17 575 E . -16.24 30.93 1.14
C18 575 E . -15.08 30.70 1.88
C19 575 E . -14.06 29.89 1.35
C20 575 E . -12.83 29.67 2.16
O1 575 E . -12.71 30.18 3.27
N3 575 E . -11.86 28.86 1.60
C21 575 E . -11.86 28.23 0.36
O2 575 E . -10.92 27.54 -0.03
BR1 575 E . -17.94 30.64 -1.16
C1 575 F . 8.88 -8.89 36.52
C2 575 F . 8.70 -8.84 35.13
C3 575 F . 9.79 -8.80 34.24
C4 575 F . 11.08 -8.82 34.81
C5 575 F . 11.26 -8.87 36.19
C6 575 F . 10.17 -8.90 37.06
C7 575 F . 10.41 -8.95 38.54
N1 575 F . 9.78 -10.07 39.33
C8 575 F . 10.69 -10.70 40.37
C9 575 F . 10.06 -12.05 40.66
C10 575 F . 8.91 -12.23 39.68
C11 575 F . 9.22 -11.24 38.56
N2 575 F . 9.57 -8.75 32.86
C12 575 F . 10.50 -8.55 31.88
C13 575 F . 10.37 -8.14 30.61
C14 575 F . 11.57 -7.90 29.77
C15 575 F . 12.83 -7.62 30.33
C16 575 F . 13.95 -7.40 29.53
C17 575 F . 13.84 -7.45 28.14
C18 575 F . 12.61 -7.73 27.55
C19 575 F . 11.48 -7.95 28.36
C20 575 F . 10.19 -8.24 27.70
O1 575 F . 10.09 -8.29 26.48
N3 575 F . 9.11 -8.44 28.54
C21 575 F . 9.07 -8.43 29.93
O2 575 F . 8.03 -8.63 30.56
BR1 575 F . 15.61 -7.03 30.37
C1 575 G . 23.85 22.62 -20.53
C2 575 G . 23.35 21.33 -20.67
C3 575 G . 24.18 20.21 -20.57
C4 575 G . 25.54 20.41 -20.33
C5 575 G . 26.05 21.71 -20.20
C6 575 G . 25.21 22.83 -20.29
C7 575 G . 25.80 24.21 -20.16
N1 575 G . 25.13 25.16 -19.19
C8 575 G . 26.07 26.24 -18.66
C9 575 G . 25.76 26.36 -17.18
C10 575 G . 24.39 25.72 -17.03
C11 575 G . 24.47 24.55 -17.98
N2 575 G . 23.61 18.92 -20.71
C12 575 G . 24.12 17.82 -21.37
C13 575 G . 23.79 16.52 -21.29
C14 575 G . 24.81 15.43 -21.33
C15 575 G . 26.18 15.67 -21.42
C16 575 G . 27.11 14.62 -21.45
C17 575 G . 26.68 13.30 -21.39
C18 575 G . 25.33 13.04 -21.29
C19 575 G . 24.39 14.09 -21.26
C20 575 G . 22.95 13.75 -21.15
O1 575 G . 22.58 12.58 -21.10
N3 575 G . 22.07 14.81 -21.13
C21 575 G . 22.34 16.17 -21.18
O2 575 G . 21.45 17.02 -21.14
BR1 575 G . 28.96 15.03 -21.59
C1 575 H . -15.94 -2.00 -20.15
C2 575 H . -15.76 -3.14 -19.38
C3 575 H . -16.85 -3.93 -18.97
C4 575 H . -18.13 -3.52 -19.37
C5 575 H . -18.31 -2.38 -20.15
C6 575 H . -17.22 -1.61 -20.54
C7 575 H . -17.41 -0.37 -21.38
N1 575 H . -16.78 -0.50 -22.75
C8 575 H . -16.60 0.83 -23.47
C9 575 H . -17.24 0.62 -24.84
C10 575 H . -17.16 -0.88 -25.06
C11 575 H . -17.53 -1.42 -23.69
N2 575 H . -16.60 -5.08 -18.19
C12 575 H . -17.51 -5.91 -17.57
C13 575 H . -17.34 -6.89 -16.66
C14 575 H . -18.52 -7.62 -16.13
C15 575 H . -19.83 -7.15 -16.29
C16 575 H . -20.92 -7.86 -15.78
C17 575 H . -20.72 -9.07 -15.11
C18 575 H . -19.43 -9.56 -14.96
C19 575 H . -18.34 -8.85 -15.46
C20 575 H . -16.99 -9.41 -15.26
O1 575 H . -16.84 -10.47 -14.67
N3 575 H . -15.94 -8.66 -15.78
C21 575 H . -15.98 -7.46 -16.45
O2 575 H . -14.95 -6.91 -16.86
BR1 575 H . -22.67 -7.18 -16.02
#